data_1LYB
#
_entry.id   1LYB
#
_cell.length_a   125.900
_cell.length_b   125.900
_cell.length_c   104.100
_cell.angle_alpha   90.00
_cell.angle_beta   90.00
_cell.angle_gamma   120.00
#
_symmetry.space_group_name_H-M   'P 65'
#
loop_
_entity.id
_entity.type
_entity.pdbx_description
1 polymer 'CATHEPSIN D'
2 polymer 'CATHEPSIN D'
3 polymer PEPSTATIN
4 branched alpha-D-mannopyranose-(1-6)-beta-D-mannopyranose-(1-4)-2-acetamido-2-deoxy-beta-D-glucopyranose-(1-4)-2-acetamido-2-deoxy-beta-D-glucopyranose
5 non-polymer 2-acetamido-2-deoxy-beta-D-glucopyranose
6 water water
#
loop_
_entity_poly.entity_id
_entity_poly.type
_entity_poly.pdbx_seq_one_letter_code
_entity_poly.pdbx_strand_id
1 'polypeptide(L)'
;GPIPEVLKNYMDAQYYGEIGIGTPPQCFTVVFDTGSSNLWVPSIHCKLLDIACWIHHKYNSDKSSTYVKNGTSFDIHYGS
GSLSGYLSQDTVSVPCQ
;
A,C
2 'polypeptide(L)'
;GGVKVERQVFGEATKQPGITFIAAKFDGILGMAYPRISVNNVLPVFDNLMQQKLVDQNIFSFYLSRDPDAQPGGELMLGG
TDSKYYKGSLSYLNVTRKAYWQVHLDQVEVASGLTLCKEGCEAIVDTGTSLMVGPVDEVRELQKAIGAVPLIQGEYMIPC
EKVSTLPAITLKLGGKGYKLSPEDYTLKVSQAGKTLCLSGFMGMDIPPPSGPLWILGDVFIGRYYTVFDRDNNRVGFAEA
A
;
B,D
3 'polypeptide(L)' (IVA)VV(STA)A(STA) I,J
#
# COMPACT_ATOMS: atom_id res chain seq x y z
N GLY A 1 5.76 14.40 -20.69
CA GLY A 1 7.06 14.35 -20.04
C GLY A 1 7.06 15.51 -19.04
N PRO A 2 8.02 15.68 -18.14
CA PRO A 2 8.74 14.59 -17.50
C PRO A 2 7.80 13.70 -16.69
N ILE A 3 7.97 12.39 -16.79
CA ILE A 3 7.11 11.41 -16.14
C ILE A 3 7.88 10.90 -14.93
N PRO A 4 7.56 11.13 -13.67
CA PRO A 4 8.25 10.55 -12.51
C PRO A 4 7.88 9.11 -12.23
N GLU A 5 8.83 8.22 -12.04
CA GLU A 5 8.49 6.87 -11.74
C GLU A 5 9.19 6.59 -10.43
N VAL A 6 8.40 6.37 -9.38
CA VAL A 6 8.90 6.16 -8.03
C VAL A 6 9.37 4.73 -7.83
N LEU A 7 10.61 4.55 -7.36
CA LEU A 7 11.13 3.20 -7.21
C LEU A 7 11.08 2.72 -5.75
N LYS A 8 10.86 1.42 -5.50
CA LYS A 8 10.95 0.82 -4.19
C LYS A 8 12.36 0.28 -4.10
N ASN A 9 13.03 0.57 -3.01
CA ASN A 9 14.39 0.11 -2.75
C ASN A 9 14.33 -1.12 -1.88
N TYR A 10 15.06 -2.17 -2.20
CA TYR A 10 15.14 -3.31 -1.32
C TYR A 10 16.61 -3.51 -1.04
N MET A 11 17.00 -3.28 0.23
CA MET A 11 18.34 -3.52 0.76
C MET A 11 19.46 -2.93 -0.08
N ASP A 12 19.17 -1.83 -0.78
CA ASP A 12 20.10 -1.22 -1.71
C ASP A 12 20.59 -2.16 -2.82
N ALA A 13 20.10 -3.39 -2.89
CA ALA A 13 20.44 -4.34 -3.92
C ALA A 13 19.35 -4.36 -4.99
N GLN A 14 18.09 -3.97 -4.76
CA GLN A 14 17.06 -4.10 -5.80
C GLN A 14 16.23 -2.87 -5.95
N TYR A 15 16.26 -2.14 -7.04
CA TYR A 15 15.43 -0.96 -7.14
C TYR A 15 14.44 -1.21 -8.25
N TYR A 16 13.14 -1.22 -8.02
CA TYR A 16 12.16 -1.55 -9.03
C TYR A 16 10.93 -0.65 -8.92
N GLY A 17 10.05 -0.59 -9.91
CA GLY A 17 8.89 0.28 -9.87
C GLY A 17 7.74 -0.40 -10.58
N GLU A 18 6.58 0.25 -10.69
CA GLU A 18 5.36 -0.36 -11.20
C GLU A 18 4.94 0.18 -12.55
N ILE A 19 4.66 -0.75 -13.45
CA ILE A 19 4.25 -0.44 -14.81
C ILE A 19 3.01 -1.26 -15.08
N GLY A 20 2.36 -1.02 -16.20
CA GLY A 20 1.18 -1.79 -16.56
C GLY A 20 1.29 -2.26 -18.00
N ILE A 21 0.80 -3.46 -18.21
CA ILE A 21 0.72 -4.02 -19.54
C ILE A 21 -0.75 -4.38 -19.68
N GLY A 22 -1.37 -3.91 -20.75
CA GLY A 22 -2.74 -4.25 -21.08
C GLY A 22 -3.72 -3.11 -20.88
N THR A 23 -4.87 -3.20 -21.56
CA THR A 23 -5.99 -2.29 -21.38
C THR A 23 -7.07 -3.26 -20.96
N PRO A 24 -7.56 -3.10 -19.74
CA PRO A 24 -7.07 -2.11 -18.77
C PRO A 24 -5.73 -2.55 -18.18
N PRO A 25 -4.89 -1.72 -17.59
CA PRO A 25 -3.60 -2.11 -17.03
C PRO A 25 -3.61 -3.28 -16.07
N GLN A 26 -2.66 -4.21 -16.24
CA GLN A 26 -2.37 -5.24 -15.27
C GLN A 26 -1.05 -4.70 -14.69
N CYS A 27 -0.87 -4.49 -13.38
CA CYS A 27 0.36 -3.90 -12.87
C CYS A 27 1.44 -4.90 -12.47
N PHE A 28 2.68 -4.62 -12.89
CA PHE A 28 3.86 -5.46 -12.63
C PHE A 28 4.93 -4.57 -12.06
N THR A 29 5.90 -5.17 -11.34
CA THR A 29 7.02 -4.44 -10.82
C THR A 29 8.13 -4.86 -11.78
N VAL A 30 9.06 -3.98 -12.15
CA VAL A 30 10.15 -4.33 -13.03
C VAL A 30 11.36 -3.55 -12.57
N VAL A 31 12.60 -3.97 -12.91
CA VAL A 31 13.68 -3.02 -12.69
C VAL A 31 13.88 -2.37 -14.06
N PHE A 32 14.10 -1.07 -14.01
CA PHE A 32 14.43 -0.23 -15.12
C PHE A 32 15.93 -0.35 -15.22
N ASP A 33 16.27 -1.36 -16.01
CA ASP A 33 17.61 -1.83 -16.15
C ASP A 33 18.34 -1.28 -17.36
N THR A 34 19.34 -0.44 -17.18
CA THR A 34 20.08 0.04 -18.32
C THR A 34 21.13 -0.97 -18.80
N GLY A 35 21.14 -2.23 -18.39
CA GLY A 35 22.13 -3.18 -18.85
C GLY A 35 21.55 -4.17 -19.82
N SER A 36 20.32 -4.02 -20.29
CA SER A 36 19.70 -4.93 -21.25
C SER A 36 18.63 -4.12 -21.94
N SER A 37 17.86 -4.67 -22.86
CA SER A 37 16.90 -3.86 -23.56
C SER A 37 15.57 -4.55 -23.75
N ASN A 38 15.30 -5.67 -23.10
CA ASN A 38 14.01 -6.34 -23.31
C ASN A 38 13.13 -6.19 -22.10
N LEU A 39 11.84 -6.02 -22.32
CA LEU A 39 10.87 -5.92 -21.25
C LEU A 39 10.23 -7.30 -21.13
N TRP A 40 9.92 -7.80 -19.96
CA TRP A 40 9.25 -9.07 -19.85
C TRP A 40 8.55 -9.20 -18.51
N VAL A 41 7.56 -10.10 -18.44
CA VAL A 41 6.84 -10.39 -17.23
C VAL A 41 6.51 -11.88 -17.23
N PRO A 42 6.13 -12.47 -16.12
CA PRO A 42 5.74 -13.86 -16.08
C PRO A 42 4.41 -14.06 -16.83
N SER A 43 4.31 -15.14 -17.58
CA SER A 43 3.07 -15.40 -18.25
C SER A 43 2.18 -16.24 -17.36
N ILE A 44 0.88 -15.98 -17.36
CA ILE A 44 -0.05 -16.88 -16.70
C ILE A 44 0.05 -18.31 -17.25
N HIS A 45 0.70 -18.49 -18.39
CA HIS A 45 0.86 -19.80 -19.00
C HIS A 45 2.29 -20.29 -18.75
N CYS A 46 2.96 -19.89 -17.67
CA CYS A 46 4.29 -20.37 -17.43
C CYS A 46 4.20 -21.81 -16.97
N LYS A 47 5.20 -22.56 -17.43
CA LYS A 47 5.28 -23.98 -17.19
C LYS A 47 5.23 -24.26 -15.69
N LEU A 48 4.86 -25.46 -15.31
CA LEU A 48 4.90 -25.83 -13.92
C LEU A 48 6.34 -25.71 -13.38
N LEU A 49 7.38 -26.13 -14.11
CA LEU A 49 8.78 -25.93 -13.69
C LEU A 49 9.18 -24.48 -13.31
N ASP A 50 8.34 -23.47 -13.57
CA ASP A 50 8.77 -22.11 -13.36
C ASP A 50 8.39 -21.60 -12.00
N ILE A 51 8.98 -22.18 -10.96
CA ILE A 51 8.75 -21.82 -9.55
C ILE A 51 8.57 -20.31 -9.34
N ALA A 52 9.46 -19.52 -9.96
CA ALA A 52 9.36 -18.08 -9.87
C ALA A 52 7.98 -17.51 -10.21
N CYS A 53 7.21 -17.86 -11.27
CA CYS A 53 5.97 -17.14 -11.48
C CYS A 53 4.92 -17.57 -10.49
N TRP A 54 5.04 -18.74 -9.83
CA TRP A 54 4.01 -19.14 -8.90
C TRP A 54 3.99 -18.10 -7.81
N ILE A 55 5.06 -17.37 -7.50
CA ILE A 55 4.95 -16.37 -6.44
C ILE A 55 5.05 -14.97 -7.00
N HIS A 56 4.76 -14.73 -8.28
CA HIS A 56 4.89 -13.38 -8.81
C HIS A 56 3.64 -13.02 -9.60
N HIS A 57 3.47 -11.79 -10.08
CA HIS A 57 2.26 -11.43 -10.81
C HIS A 57 2.38 -11.96 -12.21
N LYS A 58 1.32 -12.53 -12.72
CA LYS A 58 1.31 -13.12 -14.04
C LYS A 58 0.37 -12.36 -14.94
N TYR A 59 0.84 -12.13 -16.18
CA TYR A 59 0.10 -11.45 -17.22
C TYR A 59 -0.86 -12.40 -17.91
N ASN A 60 -2.09 -11.96 -18.16
CA ASN A 60 -3.07 -12.76 -18.86
C ASN A 60 -3.55 -11.92 -20.00
N SER A 61 -3.27 -12.38 -21.18
CA SER A 61 -3.64 -11.64 -22.38
C SER A 61 -5.13 -11.51 -22.57
N ASP A 62 -5.89 -12.54 -22.15
CA ASP A 62 -7.33 -12.63 -22.35
C ASP A 62 -8.05 -11.55 -21.58
N LYS A 63 -7.40 -10.77 -20.73
CA LYS A 63 -8.05 -9.66 -20.07
C LYS A 63 -7.63 -8.38 -20.75
N SER A 64 -7.04 -8.38 -21.93
CA SER A 64 -6.59 -7.12 -22.47
C SER A 64 -7.29 -6.98 -23.79
N SER A 65 -7.85 -5.81 -24.03
CA SER A 65 -8.56 -5.64 -25.30
C SER A 65 -7.58 -5.24 -26.38
N THR A 66 -6.42 -4.74 -25.94
CA THR A 66 -5.44 -4.24 -26.87
C THR A 66 -4.31 -5.21 -27.16
N TYR A 67 -4.47 -6.50 -26.88
CA TYR A 67 -3.38 -7.42 -27.10
C TYR A 67 -3.29 -7.85 -28.54
N VAL A 68 -2.11 -7.97 -29.10
CA VAL A 68 -1.94 -8.46 -30.47
C VAL A 68 -1.00 -9.63 -30.23
N LYS A 69 -1.29 -10.85 -30.67
CA LYS A 69 -0.39 -11.93 -30.40
C LYS A 69 0.79 -11.89 -31.34
N ASN A 70 1.88 -12.56 -30.99
CA ASN A 70 3.06 -12.55 -31.84
C ASN A 70 3.60 -13.96 -31.75
N GLY A 71 3.84 -14.52 -30.57
CA GLY A 71 4.23 -15.92 -30.50
C GLY A 71 5.68 -16.24 -30.81
N THR A 72 6.56 -15.42 -31.37
CA THR A 72 7.93 -15.86 -31.58
C THR A 72 8.63 -16.11 -30.26
N SER A 73 9.46 -17.14 -30.21
CA SER A 73 10.20 -17.50 -29.01
C SER A 73 11.24 -16.45 -28.66
N PHE A 74 11.58 -16.24 -27.38
CA PHE A 74 12.68 -15.40 -26.97
C PHE A 74 13.34 -16.10 -25.77
N ASP A 75 14.64 -15.88 -25.57
CA ASP A 75 15.45 -16.53 -24.54
C ASP A 75 16.50 -15.51 -24.07
N ILE A 76 16.70 -15.14 -22.79
CA ILE A 76 17.72 -14.13 -22.45
C ILE A 76 18.57 -14.70 -21.34
N HIS A 77 19.88 -14.45 -21.34
CA HIS A 77 20.69 -14.88 -20.19
C HIS A 77 21.26 -13.59 -19.66
N TYR A 78 21.11 -13.38 -18.37
CA TYR A 78 21.63 -12.23 -17.68
C TYR A 78 22.84 -12.73 -16.91
N GLY A 79 23.66 -11.82 -16.41
CA GLY A 79 24.79 -12.19 -15.59
C GLY A 79 24.27 -12.91 -14.35
N SER A 80 23.05 -12.57 -13.93
CA SER A 80 22.31 -13.21 -12.88
C SER A 80 21.41 -14.38 -13.25
N GLY A 81 20.74 -14.50 -14.40
CA GLY A 81 19.78 -15.61 -14.54
C GLY A 81 19.32 -15.89 -15.96
N SER A 82 18.53 -16.93 -16.17
CA SER A 82 18.13 -17.31 -17.49
C SER A 82 16.63 -17.33 -17.57
N LEU A 83 16.03 -17.00 -18.69
CA LEU A 83 14.58 -17.18 -18.84
C LEU A 83 14.29 -17.44 -20.29
N SER A 84 13.06 -17.81 -20.59
CA SER A 84 12.61 -18.09 -21.94
C SER A 84 11.11 -17.91 -21.96
N GLY A 85 10.53 -17.68 -23.11
CA GLY A 85 9.10 -17.63 -23.24
C GLY A 85 8.74 -17.22 -24.65
N TYR A 86 7.61 -16.57 -24.85
CA TYR A 86 7.26 -16.17 -26.20
C TYR A 86 6.92 -14.69 -26.20
N LEU A 87 7.08 -13.99 -27.31
CA LEU A 87 6.81 -12.56 -27.34
C LEU A 87 5.35 -12.25 -27.62
N SER A 88 4.93 -11.08 -27.18
CA SER A 88 3.58 -10.58 -27.34
C SER A 88 3.60 -9.11 -27.64
N GLN A 89 2.43 -8.48 -27.73
CA GLN A 89 2.33 -7.07 -27.99
C GLN A 89 1.15 -6.45 -27.24
N ASP A 90 1.38 -5.28 -26.69
CA ASP A 90 0.37 -4.61 -25.91
C ASP A 90 0.89 -3.24 -25.57
N THR A 91 0.00 -2.45 -24.97
CA THR A 91 0.26 -1.12 -24.46
C THR A 91 1.00 -1.25 -23.12
N VAL A 92 1.93 -0.36 -22.82
CA VAL A 92 2.59 -0.36 -21.55
C VAL A 92 2.35 1.07 -21.06
N SER A 93 1.82 1.17 -19.86
CA SER A 93 1.57 2.47 -19.25
C SER A 93 2.62 2.66 -18.15
N VAL A 94 3.26 3.81 -18.00
CA VAL A 94 4.25 4.06 -16.93
C VAL A 94 3.83 5.42 -16.38
N PRO A 95 3.48 5.57 -15.10
CA PRO A 95 3.29 4.54 -14.09
C PRO A 95 2.11 3.65 -14.44
N CYS A 96 1.54 2.82 -13.58
CA CYS A 96 0.34 2.05 -13.93
C CYS A 96 -0.76 3.12 -13.86
N GLN A 97 -0.82 3.78 -15.02
CA GLN A 97 -1.73 4.88 -15.31
C GLN A 97 -3.09 4.23 -15.55
N GLY B 1 1.22 12.37 -14.54
CA GLY B 1 0.29 11.66 -15.41
C GLY B 1 1.17 10.68 -16.18
N GLY B 2 0.69 9.57 -16.73
CA GLY B 2 1.57 8.58 -17.33
C GLY B 2 1.90 8.83 -18.80
N VAL B 3 2.41 7.76 -19.36
CA VAL B 3 2.69 7.66 -20.76
C VAL B 3 2.12 6.32 -21.10
N LYS B 4 1.61 6.25 -22.33
CA LYS B 4 1.07 5.03 -22.89
C LYS B 4 1.99 4.76 -24.07
N VAL B 5 2.88 3.80 -23.88
CA VAL B 5 3.71 3.36 -24.97
C VAL B 5 2.78 2.35 -25.60
N GLU B 6 2.47 2.45 -26.88
CA GLU B 6 1.50 1.52 -27.42
C GLU B 6 2.24 0.59 -28.34
N ARG B 7 1.59 -0.52 -28.66
CA ARG B 7 2.10 -1.48 -29.61
C ARG B 7 3.52 -1.95 -29.27
N GLN B 8 3.78 -2.22 -28.00
CA GLN B 8 5.08 -2.65 -27.53
C GLN B 8 5.12 -4.17 -27.53
N VAL B 9 6.22 -4.77 -27.96
CA VAL B 9 6.41 -6.20 -27.93
C VAL B 9 7.24 -6.50 -26.69
N PHE B 10 6.98 -7.59 -25.99
CA PHE B 10 7.64 -7.87 -24.73
C PHE B 10 7.50 -9.34 -24.50
N GLY B 11 8.37 -9.92 -23.69
CA GLY B 11 8.34 -11.33 -23.48
C GLY B 11 7.40 -11.78 -22.39
N GLU B 12 6.70 -12.84 -22.69
CA GLU B 12 5.89 -13.53 -21.75
C GLU B 12 6.74 -14.72 -21.36
N ALA B 13 7.26 -14.69 -20.13
CA ALA B 13 8.17 -15.71 -19.66
C ALA B 13 7.49 -16.97 -19.19
N THR B 14 7.91 -18.11 -19.73
CA THR B 14 7.32 -19.35 -19.32
C THR B 14 8.23 -20.26 -18.56
N LYS B 15 9.56 -20.19 -18.66
CA LYS B 15 10.43 -21.01 -17.86
C LYS B 15 11.47 -20.03 -17.36
N GLN B 16 11.89 -20.08 -16.09
CA GLN B 16 12.90 -19.15 -15.58
C GLN B 16 13.66 -19.99 -14.58
N PRO B 17 14.77 -20.63 -14.96
CA PRO B 17 15.51 -21.56 -14.14
C PRO B 17 16.33 -20.98 -13.01
N GLY B 18 16.38 -21.71 -11.88
CA GLY B 18 17.28 -21.42 -10.78
C GLY B 18 16.77 -20.42 -9.75
N ILE B 19 17.44 -20.42 -8.61
CA ILE B 19 17.14 -19.56 -7.48
C ILE B 19 16.87 -18.07 -7.73
N THR B 20 17.71 -17.38 -8.50
CA THR B 20 17.65 -15.94 -8.66
C THR B 20 16.29 -15.32 -8.92
N PHE B 21 15.45 -15.81 -9.82
CA PHE B 21 14.22 -15.10 -10.03
C PHE B 21 13.17 -15.46 -9.02
N ILE B 22 13.34 -16.49 -8.20
CA ILE B 22 12.41 -16.79 -7.08
C ILE B 22 12.56 -15.78 -5.97
N ALA B 23 13.80 -15.58 -5.69
CA ALA B 23 14.21 -14.70 -4.63
C ALA B 23 13.95 -13.24 -4.89
N ALA B 24 13.81 -12.81 -6.13
CA ALA B 24 13.75 -11.39 -6.40
C ALA B 24 12.39 -10.78 -6.11
N LYS B 25 12.41 -9.53 -5.66
CA LYS B 25 11.20 -8.79 -5.37
C LYS B 25 10.43 -8.35 -6.60
N PHE B 26 11.09 -8.36 -7.75
CA PHE B 26 10.54 -7.83 -8.98
C PHE B 26 9.96 -8.94 -9.83
N ASP B 27 8.92 -8.56 -10.57
CA ASP B 27 8.21 -9.43 -11.50
C ASP B 27 8.96 -9.65 -12.78
N GLY B 28 9.42 -8.54 -13.36
CA GLY B 28 10.11 -8.60 -14.62
C GLY B 28 11.15 -7.53 -14.72
N ILE B 29 11.61 -7.26 -15.94
CA ILE B 29 12.71 -6.34 -16.21
C ILE B 29 12.34 -5.53 -17.44
N LEU B 30 12.60 -4.23 -17.46
CA LEU B 30 12.30 -3.40 -18.59
C LEU B 30 13.67 -2.78 -18.87
N GLY B 31 14.30 -3.30 -19.92
CA GLY B 31 15.63 -2.90 -20.29
C GLY B 31 15.71 -1.56 -20.98
N MET B 32 16.70 -0.76 -20.61
CA MET B 32 16.79 0.56 -21.15
C MET B 32 18.13 0.79 -21.83
N ALA B 33 18.76 -0.23 -22.43
CA ALA B 33 19.99 0.02 -23.14
C ALA B 33 19.64 0.12 -24.60
N TYR B 34 20.66 0.39 -25.40
CA TYR B 34 20.51 0.59 -26.81
C TYR B 34 19.91 -0.61 -27.50
N PRO B 35 19.32 -0.46 -28.69
CA PRO B 35 18.73 -1.54 -29.43
C PRO B 35 19.67 -2.67 -29.79
N ARG B 36 20.96 -2.41 -29.98
CA ARG B 36 21.91 -3.41 -30.42
C ARG B 36 21.88 -4.73 -29.65
N ILE B 37 21.73 -4.73 -28.32
CA ILE B 37 21.78 -5.97 -27.55
C ILE B 37 20.41 -6.55 -27.25
N SER B 38 19.39 -6.11 -27.97
CA SER B 38 18.03 -6.53 -27.73
C SER B 38 17.79 -7.89 -28.32
N VAL B 39 17.09 -8.78 -27.62
CA VAL B 39 16.81 -10.08 -28.17
C VAL B 39 15.70 -9.94 -29.20
N ASN B 40 15.81 -10.66 -30.32
CA ASN B 40 14.86 -10.70 -31.41
C ASN B 40 14.56 -9.35 -32.07
N ASN B 41 15.59 -8.50 -31.99
CA ASN B 41 15.60 -7.13 -32.49
C ASN B 41 14.32 -6.38 -32.19
N VAL B 42 13.75 -6.67 -31.02
CA VAL B 42 12.52 -6.06 -30.59
C VAL B 42 12.84 -4.63 -30.23
N LEU B 43 11.99 -3.68 -30.54
CA LEU B 43 12.32 -2.30 -30.26
C LEU B 43 12.12 -1.97 -28.77
N PRO B 44 13.11 -1.56 -27.95
CA PRO B 44 12.97 -1.21 -26.53
C PRO B 44 11.90 -0.19 -26.19
N VAL B 45 11.38 -0.19 -24.96
CA VAL B 45 10.32 0.73 -24.57
C VAL B 45 10.73 2.16 -24.79
N PHE B 46 11.79 2.69 -24.17
CA PHE B 46 12.22 4.06 -24.43
C PHE B 46 12.42 4.31 -25.91
N ASP B 47 12.84 3.31 -26.70
CA ASP B 47 13.05 3.54 -28.10
C ASP B 47 11.71 3.81 -28.76
N ASN B 48 10.75 3.00 -28.38
CA ASN B 48 9.37 3.09 -28.84
C ASN B 48 8.72 4.39 -28.36
N LEU B 49 9.13 4.92 -27.22
CA LEU B 49 8.58 6.15 -26.66
C LEU B 49 9.14 7.36 -27.39
N MET B 50 10.42 7.38 -27.73
CA MET B 50 11.01 8.46 -28.51
C MET B 50 10.34 8.48 -29.87
N GLN B 51 10.03 7.27 -30.36
CA GLN B 51 9.41 7.05 -31.66
C GLN B 51 7.96 7.49 -31.73
N GLN B 52 7.20 7.45 -30.63
CA GLN B 52 5.86 7.98 -30.69
C GLN B 52 5.93 9.39 -30.12
N LYS B 53 7.11 10.03 -30.13
CA LYS B 53 7.31 11.39 -29.65
C LYS B 53 6.60 11.74 -28.37
N LEU B 54 6.70 10.79 -27.42
CA LEU B 54 5.98 10.98 -26.18
C LEU B 54 6.66 11.91 -25.21
N VAL B 55 7.98 12.14 -25.27
CA VAL B 55 8.63 13.07 -24.34
C VAL B 55 9.31 14.21 -25.07
N ASP B 56 9.60 15.29 -24.36
CA ASP B 56 10.23 16.47 -24.98
C ASP B 56 11.74 16.27 -25.08
N GLN B 57 12.42 15.79 -24.03
CA GLN B 57 13.85 15.58 -24.06
C GLN B 57 13.95 14.07 -24.13
N ASN B 58 14.77 13.47 -24.98
CA ASN B 58 14.88 12.03 -25.00
C ASN B 58 15.99 11.62 -24.02
N ILE B 59 15.77 11.90 -22.75
CA ILE B 59 16.73 11.56 -21.73
C ILE B 59 15.92 10.96 -20.59
N PHE B 60 16.47 10.13 -19.75
CA PHE B 60 15.80 9.66 -18.56
C PHE B 60 16.83 9.73 -17.43
N SER B 61 16.45 9.93 -16.18
CA SER B 61 17.41 10.12 -15.09
C SER B 61 17.06 9.25 -13.91
N PHE B 62 18.03 8.78 -13.16
CA PHE B 62 17.76 7.92 -12.01
C PHE B 62 18.34 8.49 -10.74
N TYR B 63 17.50 8.57 -9.72
CA TYR B 63 17.94 8.86 -8.39
C TYR B 63 17.71 7.55 -7.63
N LEU B 64 18.67 6.98 -6.90
CA LEU B 64 18.42 5.76 -6.17
C LEU B 64 18.76 6.09 -4.72
N SER B 65 17.87 5.88 -3.76
CA SER B 65 18.18 6.23 -2.39
C SER B 65 19.08 5.19 -1.76
N ARG B 66 20.08 5.57 -0.99
CA ARG B 66 20.87 4.53 -0.38
C ARG B 66 20.38 4.18 1.02
N ASP B 67 19.16 4.58 1.44
CA ASP B 67 18.63 4.19 2.75
C ASP B 67 17.45 3.26 2.53
N PRO B 68 17.48 2.00 2.93
CA PRO B 68 16.44 0.98 2.65
C PRO B 68 15.07 1.28 3.21
N ASP B 69 15.06 2.18 4.17
CA ASP B 69 13.89 2.60 4.87
C ASP B 69 13.67 4.06 4.59
N ALA B 70 13.54 4.36 3.30
CA ALA B 70 13.33 5.74 2.91
C ALA B 70 12.24 5.72 1.88
N GLN B 71 11.40 6.75 2.01
CA GLN B 71 10.31 6.99 1.09
C GLN B 71 10.79 8.20 0.29
N PRO B 72 10.74 8.24 -1.05
CA PRO B 72 10.74 7.08 -1.94
C PRO B 72 12.07 6.31 -1.97
N GLY B 73 12.06 5.10 -2.51
CA GLY B 73 13.30 4.34 -2.63
C GLY B 73 14.23 4.94 -3.68
N GLY B 74 13.70 5.72 -4.61
CA GLY B 74 14.47 6.39 -5.63
C GLY B 74 13.48 6.91 -6.66
N GLU B 75 13.90 7.39 -7.83
CA GLU B 75 12.97 7.90 -8.81
C GLU B 75 13.53 7.89 -10.23
N LEU B 76 12.87 7.21 -11.16
CA LEU B 76 13.21 7.23 -12.56
C LEU B 76 12.46 8.41 -13.14
N MET B 77 13.10 9.34 -13.81
CA MET B 77 12.34 10.39 -14.42
C MET B 77 12.44 10.27 -15.92
N LEU B 78 11.31 10.03 -16.59
CA LEU B 78 11.24 9.90 -18.04
C LEU B 78 11.03 11.23 -18.77
N GLY B 79 12.07 11.77 -19.39
CA GLY B 79 11.95 12.98 -20.20
C GLY B 79 12.50 14.24 -19.56
N GLY B 80 13.33 14.18 -18.52
CA GLY B 80 13.86 15.37 -17.87
C GLY B 80 14.79 14.96 -16.73
N THR B 81 15.37 15.91 -16.02
CA THR B 81 16.22 15.62 -14.88
C THR B 81 15.43 16.10 -13.66
N ASP B 82 15.43 15.45 -12.49
CA ASP B 82 14.74 15.97 -11.33
C ASP B 82 15.80 16.67 -10.50
N SER B 83 15.69 17.98 -10.59
CA SER B 83 16.62 18.87 -9.92
C SER B 83 16.63 18.66 -8.44
N LYS B 84 15.50 18.30 -7.80
CA LYS B 84 15.54 18.22 -6.34
C LYS B 84 16.48 17.15 -5.78
N TYR B 85 16.89 16.17 -6.61
CA TYR B 85 17.78 15.13 -6.12
C TYR B 85 19.25 15.25 -6.42
N TYR B 86 19.79 16.28 -7.06
CA TYR B 86 21.24 16.31 -7.26
C TYR B 86 21.87 17.63 -6.84
N LYS B 87 23.17 17.74 -6.57
CA LYS B 87 23.81 18.99 -6.16
C LYS B 87 24.92 19.31 -7.13
N GLY B 88 24.96 20.55 -7.58
CA GLY B 88 25.99 20.94 -8.52
C GLY B 88 25.44 20.83 -9.95
N SER B 89 26.27 20.45 -10.92
CA SER B 89 25.83 20.41 -12.30
C SER B 89 26.45 19.21 -12.98
N LEU B 90 25.62 18.64 -13.86
CA LEU B 90 25.99 17.45 -14.56
C LEU B 90 27.26 17.65 -15.36
N SER B 91 28.13 16.64 -15.34
CA SER B 91 29.32 16.57 -16.19
C SER B 91 29.06 15.34 -17.04
N TYR B 92 29.15 15.43 -18.37
CA TYR B 92 28.76 14.30 -19.20
C TYR B 92 29.96 13.62 -19.79
N LEU B 93 29.85 12.31 -19.96
CA LEU B 93 30.84 11.44 -20.57
C LEU B 93 30.19 10.95 -21.83
N ASN B 94 30.94 10.82 -22.91
CA ASN B 94 30.39 10.35 -24.17
C ASN B 94 30.30 8.82 -24.18
N VAL B 95 29.21 8.23 -24.70
CA VAL B 95 29.10 6.79 -24.80
C VAL B 95 30.03 6.40 -25.90
N THR B 96 30.86 5.40 -25.63
CA THR B 96 31.79 4.95 -26.64
C THR B 96 31.01 3.87 -27.41
N ARG B 97 30.76 2.64 -26.96
CA ARG B 97 30.00 1.67 -27.74
C ARG B 97 28.53 1.79 -27.42
N LYS B 98 27.77 2.14 -28.44
CA LYS B 98 26.32 2.28 -28.30
C LYS B 98 25.58 0.94 -28.26
N ALA B 99 25.78 0.14 -27.22
CA ALA B 99 25.03 -1.07 -27.09
C ALA B 99 24.62 -1.09 -25.64
N TYR B 100 25.52 -1.18 -24.68
CA TYR B 100 25.20 -0.96 -23.26
C TYR B 100 25.53 0.50 -23.13
N TRP B 101 25.26 1.17 -22.01
CA TRP B 101 25.64 2.55 -21.86
C TRP B 101 27.08 2.46 -21.40
N GLN B 102 27.98 2.41 -22.40
CA GLN B 102 29.39 2.22 -22.16
C GLN B 102 30.12 3.51 -22.12
N VAL B 103 31.15 3.53 -21.31
CA VAL B 103 31.89 4.73 -21.09
C VAL B 103 33.33 4.32 -20.79
N HIS B 104 34.25 5.27 -20.82
CA HIS B 104 35.65 4.95 -20.60
C HIS B 104 36.14 5.40 -19.23
N LEU B 105 36.74 4.47 -18.51
CA LEU B 105 37.24 4.73 -17.19
C LEU B 105 38.69 5.02 -17.38
N ASP B 106 39.16 6.05 -16.72
CA ASP B 106 40.57 6.38 -16.85
C ASP B 106 41.43 5.56 -15.89
N GLN B 107 40.96 5.36 -14.65
CA GLN B 107 41.58 4.53 -13.63
C GLN B 107 40.76 4.54 -12.34
N VAL B 108 40.92 3.49 -11.56
CA VAL B 108 40.27 3.35 -10.26
C VAL B 108 41.43 3.55 -9.31
N GLU B 109 41.46 4.51 -8.42
CA GLU B 109 42.56 4.55 -7.51
C GLU B 109 42.06 4.42 -6.09
N VAL B 110 42.74 3.58 -5.31
CA VAL B 110 42.42 3.33 -3.92
C VAL B 110 43.35 4.23 -3.14
N ALA B 111 42.83 4.92 -2.13
CA ALA B 111 43.60 5.91 -1.42
C ALA B 111 44.91 5.47 -0.77
N SER B 112 45.12 4.17 -0.54
CA SER B 112 46.36 3.69 0.03
C SER B 112 47.44 3.64 -1.05
N GLY B 113 47.11 3.97 -2.29
CA GLY B 113 48.07 3.97 -3.35
C GLY B 113 47.82 2.89 -4.39
N LEU B 114 46.94 1.91 -4.20
CA LEU B 114 46.73 0.92 -5.24
C LEU B 114 46.06 1.57 -6.44
N THR B 115 46.51 1.49 -7.69
CA THR B 115 45.73 2.00 -8.80
C THR B 115 45.37 0.78 -9.61
N LEU B 116 44.10 0.58 -9.91
CA LEU B 116 43.63 -0.51 -10.74
C LEU B 116 43.32 0.10 -12.07
N CYS B 117 43.11 -0.68 -13.13
CA CYS B 117 42.81 -0.20 -14.46
C CYS B 117 43.62 1.02 -14.83
N LYS B 118 44.94 0.97 -14.75
CA LYS B 118 45.69 2.13 -15.17
C LYS B 118 45.76 1.98 -16.68
N GLU B 119 45.98 3.07 -17.41
CA GLU B 119 45.96 3.15 -18.87
C GLU B 119 44.54 3.04 -19.42
N GLY B 120 43.56 3.07 -18.53
CA GLY B 120 42.17 3.09 -18.92
C GLY B 120 41.63 1.72 -19.21
N CYS B 121 40.31 1.65 -19.22
CA CYS B 121 39.57 0.45 -19.56
C CYS B 121 38.13 0.90 -19.91
N GLU B 122 37.18 -0.01 -20.10
CA GLU B 122 35.80 0.32 -20.44
C GLU B 122 34.88 -0.07 -19.32
N ALA B 123 33.78 0.65 -19.15
CA ALA B 123 32.85 0.33 -18.10
C ALA B 123 31.48 0.62 -18.62
N ILE B 124 30.52 -0.20 -18.22
CA ILE B 124 29.14 0.04 -18.59
C ILE B 124 28.47 0.64 -17.35
N VAL B 125 27.52 1.56 -17.51
CA VAL B 125 26.80 2.17 -16.39
C VAL B 125 25.47 1.40 -16.30
N ASP B 126 25.25 0.59 -15.26
CA ASP B 126 24.15 -0.35 -15.25
C ASP B 126 23.30 -0.17 -14.03
N THR B 127 22.02 0.20 -14.18
CA THR B 127 21.19 0.40 -13.02
C THR B 127 20.74 -0.93 -12.46
N GLY B 128 20.72 -2.02 -13.22
CA GLY B 128 20.27 -3.31 -12.73
C GLY B 128 21.42 -4.17 -12.22
N THR B 129 22.49 -3.55 -11.71
CA THR B 129 23.58 -4.31 -11.15
C THR B 129 23.81 -3.62 -9.82
N SER B 130 23.81 -4.42 -8.78
CA SER B 130 23.82 -3.87 -7.45
C SER B 130 25.12 -3.29 -7.03
N LEU B 131 26.15 -4.14 -7.15
CA LEU B 131 27.50 -3.82 -6.72
C LEU B 131 28.37 -3.25 -7.84
N MET B 132 29.66 -2.94 -7.66
CA MET B 132 30.52 -2.50 -8.74
C MET B 132 31.14 -3.80 -9.16
N VAL B 133 31.24 -4.20 -10.42
CA VAL B 133 31.93 -5.44 -10.65
C VAL B 133 33.13 -5.09 -11.51
N GLY B 134 34.21 -5.81 -11.35
CA GLY B 134 35.42 -5.59 -12.12
C GLY B 134 36.17 -6.90 -12.28
N PRO B 135 37.18 -7.02 -13.13
CA PRO B 135 37.77 -8.30 -13.52
C PRO B 135 38.34 -8.99 -12.29
N VAL B 136 38.29 -10.32 -12.16
CA VAL B 136 38.63 -10.98 -10.92
C VAL B 136 39.94 -10.63 -10.26
N ASP B 137 41.13 -10.71 -10.86
CA ASP B 137 42.32 -10.43 -10.08
C ASP B 137 42.55 -8.99 -9.68
N GLU B 138 41.92 -8.10 -10.41
CA GLU B 138 42.02 -6.70 -10.12
C GLU B 138 41.16 -6.42 -8.88
N VAL B 139 39.95 -6.95 -8.78
CA VAL B 139 39.15 -6.80 -7.58
C VAL B 139 39.76 -7.60 -6.45
N ARG B 140 40.41 -8.74 -6.70
CA ARG B 140 41.09 -9.48 -5.65
C ARG B 140 42.12 -8.58 -5.00
N GLU B 141 42.84 -7.82 -5.80
CA GLU B 141 43.85 -6.92 -5.27
C GLU B 141 43.18 -5.82 -4.45
N LEU B 142 42.11 -5.24 -4.95
CA LEU B 142 41.41 -4.18 -4.26
C LEU B 142 40.90 -4.70 -2.92
N GLN B 143 40.39 -5.91 -2.87
CA GLN B 143 39.85 -6.42 -1.63
C GLN B 143 40.92 -6.67 -0.59
N LYS B 144 42.11 -7.16 -0.96
CA LYS B 144 43.17 -7.31 0.01
C LYS B 144 43.61 -5.97 0.53
N ALA B 145 43.71 -4.95 -0.31
CA ALA B 145 44.10 -3.65 0.13
C ALA B 145 43.09 -3.05 1.08
N ILE B 146 41.77 -3.28 0.92
CA ILE B 146 40.88 -2.72 1.92
C ILE B 146 40.60 -3.72 3.04
N GLY B 147 41.11 -4.95 2.93
CA GLY B 147 41.03 -5.97 3.97
C GLY B 147 39.70 -6.67 4.11
N ALA B 148 38.97 -6.86 3.02
CA ALA B 148 37.73 -7.61 3.13
C ALA B 148 38.11 -9.08 3.03
N VAL B 149 37.18 -9.99 3.22
CA VAL B 149 37.46 -11.41 3.16
C VAL B 149 36.59 -12.11 2.15
N PRO B 150 37.06 -13.13 1.44
CA PRO B 150 36.27 -13.94 0.53
C PRO B 150 35.07 -14.58 1.20
N LEU B 151 33.96 -14.48 0.49
CA LEU B 151 32.70 -15.09 0.90
C LEU B 151 32.52 -16.28 -0.05
N ILE B 152 31.84 -16.09 -1.19
CA ILE B 152 31.66 -17.15 -2.15
C ILE B 152 31.63 -16.42 -3.49
N GLN B 153 32.19 -17.08 -4.52
CA GLN B 153 32.31 -16.58 -5.89
C GLN B 153 32.39 -15.06 -6.11
N GLY B 154 33.59 -14.52 -5.86
CA GLY B 154 33.86 -13.14 -6.17
C GLY B 154 33.18 -12.08 -5.32
N GLU B 155 32.64 -12.48 -4.16
CA GLU B 155 32.04 -11.55 -3.25
C GLU B 155 32.76 -11.54 -1.92
N TYR B 156 32.97 -10.39 -1.31
CA TYR B 156 33.75 -10.27 -0.10
C TYR B 156 32.95 -9.58 1.01
N MET B 157 33.15 -9.98 2.25
CA MET B 157 32.46 -9.32 3.36
C MET B 157 33.47 -8.56 4.20
N ILE B 158 33.01 -7.57 4.98
CA ILE B 158 33.87 -6.77 5.85
C ILE B 158 33.04 -6.62 7.11
N PRO B 159 33.56 -6.55 8.33
CA PRO B 159 32.76 -6.30 9.51
C PRO B 159 32.16 -4.90 9.37
N CYS B 160 30.88 -4.63 9.57
CA CYS B 160 30.37 -3.27 9.48
C CYS B 160 31.11 -2.28 10.39
N GLU B 161 31.68 -2.84 11.45
CA GLU B 161 32.44 -2.11 12.43
C GLU B 161 33.66 -1.49 11.79
N LYS B 162 34.39 -2.24 10.98
CA LYS B 162 35.61 -1.76 10.38
C LYS B 162 35.41 -0.72 9.30
N VAL B 163 34.19 -0.44 8.89
CA VAL B 163 33.95 0.46 7.77
C VAL B 163 34.59 1.85 7.91
N SER B 164 34.57 2.61 9.01
CA SER B 164 35.16 3.94 9.07
C SER B 164 36.66 3.94 8.99
N THR B 165 37.28 2.75 8.97
CA THR B 165 38.73 2.64 8.95
C THR B 165 39.25 2.40 7.56
N LEU B 166 38.29 2.12 6.67
CA LEU B 166 38.56 1.70 5.32
C LEU B 166 38.93 2.88 4.44
N PRO B 167 39.80 2.84 3.42
CA PRO B 167 40.05 3.94 2.51
C PRO B 167 38.95 4.24 1.50
N ALA B 168 38.97 5.42 0.89
CA ALA B 168 38.02 5.78 -0.11
C ALA B 168 38.57 5.36 -1.44
N ILE B 169 37.72 4.97 -2.40
CA ILE B 169 38.11 4.51 -3.73
C ILE B 169 37.70 5.69 -4.64
N THR B 170 38.39 5.97 -5.74
CA THR B 170 38.11 7.08 -6.63
C THR B 170 38.18 6.58 -8.05
N LEU B 171 37.08 6.70 -8.79
CA LEU B 171 37.05 6.25 -10.17
C LEU B 171 37.27 7.51 -10.96
N LYS B 172 38.14 7.52 -11.95
CA LYS B 172 38.43 8.74 -12.64
C LYS B 172 37.77 8.65 -13.99
N LEU B 173 36.68 9.35 -14.17
CA LEU B 173 35.94 9.27 -15.41
C LEU B 173 36.07 10.60 -16.10
N GLY B 174 36.40 10.69 -17.38
CA GLY B 174 36.50 11.95 -18.08
C GLY B 174 37.27 13.07 -17.39
N GLY B 175 38.45 12.79 -16.87
CA GLY B 175 39.23 13.81 -16.20
C GLY B 175 38.79 14.09 -14.77
N LYS B 176 37.58 13.78 -14.34
CA LYS B 176 37.13 14.08 -13.01
C LYS B 176 37.35 12.84 -12.16
N GLY B 177 37.60 13.04 -10.89
CA GLY B 177 37.66 11.94 -9.95
C GLY B 177 36.32 11.91 -9.23
N TYR B 178 35.66 10.76 -9.13
CA TYR B 178 34.40 10.61 -8.41
C TYR B 178 34.75 9.73 -7.23
N LYS B 179 34.56 10.24 -6.05
CA LYS B 179 34.95 9.54 -4.84
C LYS B 179 33.89 8.63 -4.26
N LEU B 180 34.20 7.42 -3.83
CA LEU B 180 33.22 6.64 -3.11
C LEU B 180 33.92 6.43 -1.78
N SER B 181 33.26 6.74 -0.69
CA SER B 181 33.85 6.53 0.59
C SER B 181 33.43 5.15 1.06
N PRO B 182 33.96 4.61 2.13
CA PRO B 182 33.60 3.31 2.68
C PRO B 182 32.12 3.12 3.00
N GLU B 183 31.42 4.12 3.52
CA GLU B 183 29.98 3.99 3.75
C GLU B 183 29.22 3.90 2.45
N ASP B 184 29.84 4.29 1.34
CA ASP B 184 29.21 4.21 0.04
C ASP B 184 29.34 2.86 -0.58
N TYR B 185 30.60 2.39 -0.60
CA TYR B 185 30.79 1.15 -1.27
C TYR B 185 30.61 -0.07 -0.43
N THR B 186 30.11 -0.06 0.80
CA THR B 186 29.93 -1.29 1.58
C THR B 186 28.43 -1.39 1.82
N LEU B 187 27.85 -2.56 2.09
CA LEU B 187 26.41 -2.64 2.08
C LEU B 187 25.99 -3.51 3.23
N LYS B 188 25.06 -3.04 4.03
CA LYS B 188 24.57 -3.71 5.24
C LYS B 188 23.60 -4.83 4.87
N VAL B 189 23.67 -6.08 5.33
CA VAL B 189 22.68 -7.09 4.92
C VAL B 189 22.15 -7.85 6.14
N SER B 190 21.52 -9.01 5.97
CA SER B 190 21.19 -9.90 7.08
C SER B 190 21.02 -11.30 6.46
N GLN B 191 21.61 -12.21 7.26
CA GLN B 191 21.57 -13.66 7.06
C GLN B 191 21.10 -13.98 8.47
N ALA B 192 22.00 -13.86 9.44
CA ALA B 192 21.57 -13.95 10.82
C ALA B 192 21.30 -12.48 11.17
N GLY B 193 22.29 -11.55 11.19
CA GLY B 193 21.96 -10.14 11.44
C GLY B 193 23.06 -9.26 12.03
N LYS B 194 23.10 -8.02 11.51
CA LYS B 194 24.00 -6.92 11.91
C LYS B 194 25.43 -7.33 11.67
N THR B 195 26.37 -6.37 11.72
CA THR B 195 27.78 -6.63 11.55
C THR B 195 28.17 -7.23 10.19
N LEU B 196 27.25 -7.80 9.43
CA LEU B 196 27.50 -8.42 8.17
C LEU B 196 27.30 -7.32 7.17
N CYS B 197 28.43 -6.92 6.63
CA CYS B 197 28.47 -5.97 5.57
C CYS B 197 29.19 -6.61 4.40
N LEU B 198 28.62 -6.42 3.23
CA LEU B 198 29.24 -6.83 2.00
C LEU B 198 30.19 -5.71 1.59
N SER B 199 31.22 -6.02 0.81
CA SER B 199 32.11 -5.05 0.22
C SER B 199 31.53 -4.91 -1.17
N GLY B 200 31.17 -3.71 -1.55
CA GLY B 200 30.46 -3.44 -2.79
C GLY B 200 31.26 -3.58 -4.05
N PHE B 201 32.35 -4.34 -4.15
CA PHE B 201 33.05 -4.53 -5.41
C PHE B 201 33.02 -6.03 -5.58
N MET B 202 32.34 -6.57 -6.57
CA MET B 202 32.27 -7.99 -6.76
C MET B 202 33.22 -8.25 -7.93
N GLY B 203 33.94 -9.36 -8.00
CA GLY B 203 34.83 -9.58 -9.12
C GLY B 203 34.16 -10.47 -10.16
N MET B 204 34.04 -10.05 -11.42
CA MET B 204 33.46 -10.89 -12.46
C MET B 204 34.17 -10.58 -13.76
N ASP B 205 34.61 -11.58 -14.53
CA ASP B 205 35.30 -11.37 -15.80
C ASP B 205 34.30 -11.49 -16.91
N ILE B 206 34.01 -10.42 -17.61
CA ILE B 206 33.12 -10.52 -18.76
C ILE B 206 34.06 -10.76 -19.96
N PRO B 207 33.95 -11.87 -20.70
CA PRO B 207 34.96 -12.31 -21.62
C PRO B 207 34.88 -11.51 -22.90
N PRO B 208 35.93 -11.48 -23.73
CA PRO B 208 35.85 -11.02 -25.10
C PRO B 208 34.69 -11.69 -25.82
N PRO B 209 33.98 -11.11 -26.80
CA PRO B 209 34.31 -9.87 -27.46
C PRO B 209 33.80 -8.57 -26.87
N SER B 210 32.75 -8.64 -26.04
CA SER B 210 32.28 -7.43 -25.38
C SER B 210 33.29 -6.99 -24.34
N GLY B 211 33.64 -7.94 -23.50
CA GLY B 211 34.46 -7.63 -22.36
C GLY B 211 35.92 -7.68 -22.68
N PRO B 212 36.78 -7.35 -21.74
CA PRO B 212 36.50 -7.09 -20.32
C PRO B 212 35.78 -5.80 -20.02
N LEU B 213 35.01 -5.77 -18.94
CA LEU B 213 34.24 -4.61 -18.65
C LEU B 213 34.11 -4.53 -17.14
N TRP B 214 34.21 -3.31 -16.61
CA TRP B 214 33.87 -3.00 -15.24
C TRP B 214 32.39 -2.62 -15.33
N ILE B 215 31.58 -2.74 -14.30
CA ILE B 215 30.18 -2.35 -14.27
C ILE B 215 30.03 -1.36 -13.12
N LEU B 216 29.54 -0.14 -13.32
CA LEU B 216 29.36 0.78 -12.21
C LEU B 216 27.89 0.56 -11.94
N GLY B 217 27.50 -0.09 -10.82
CA GLY B 217 26.12 -0.33 -10.50
C GLY B 217 25.55 0.66 -9.51
N ASP B 218 24.52 0.20 -8.80
CA ASP B 218 23.78 0.99 -7.83
C ASP B 218 24.65 1.63 -6.77
N VAL B 219 25.69 0.95 -6.33
CA VAL B 219 26.69 1.55 -5.45
C VAL B 219 27.19 2.88 -6.02
N PHE B 220 27.57 3.02 -7.28
CA PHE B 220 28.04 4.28 -7.80
C PHE B 220 26.84 5.20 -8.05
N ILE B 221 25.73 4.74 -8.66
CA ILE B 221 24.56 5.59 -8.96
C ILE B 221 23.85 6.07 -7.69
N GLY B 222 24.07 5.34 -6.60
CA GLY B 222 23.51 5.68 -5.31
C GLY B 222 24.20 6.93 -4.76
N ARG B 223 25.42 7.18 -5.20
CA ARG B 223 26.11 8.35 -4.78
C ARG B 223 26.02 9.43 -5.86
N TYR B 224 25.97 9.04 -7.13
CA TYR B 224 25.96 9.99 -8.20
C TYR B 224 24.72 9.76 -9.01
N TYR B 225 23.99 10.85 -9.11
CA TYR B 225 22.73 10.96 -9.84
C TYR B 225 23.10 10.81 -11.32
N THR B 226 22.49 9.85 -12.04
CA THR B 226 22.85 9.55 -13.43
C THR B 226 21.85 10.04 -14.44
N VAL B 227 22.29 10.72 -15.50
CA VAL B 227 21.37 11.15 -16.54
C VAL B 227 21.76 10.37 -17.80
N PHE B 228 20.87 9.62 -18.42
CA PHE B 228 21.16 8.89 -19.65
C PHE B 228 20.57 9.70 -20.79
N ASP B 229 21.39 10.22 -21.70
CA ASP B 229 20.90 11.04 -22.81
C ASP B 229 20.88 10.34 -24.18
N ARG B 230 19.75 9.93 -24.73
CA ARG B 230 19.76 9.31 -26.05
C ARG B 230 19.88 10.30 -27.18
N ASP B 231 19.60 11.59 -26.94
CA ASP B 231 19.70 12.58 -28.02
C ASP B 231 21.16 12.77 -28.34
N ASN B 232 22.03 12.53 -27.37
CA ASN B 232 23.42 12.82 -27.56
C ASN B 232 24.33 11.67 -27.21
N ASN B 233 23.79 10.55 -26.75
CA ASN B 233 24.57 9.38 -26.35
C ASN B 233 25.63 9.70 -25.30
N ARG B 234 25.34 10.56 -24.33
CA ARG B 234 26.31 10.83 -23.29
C ARG B 234 25.61 10.43 -21.99
N VAL B 235 26.34 10.15 -20.92
CA VAL B 235 25.78 9.77 -19.64
C VAL B 235 26.20 10.93 -18.75
N GLY B 236 25.45 11.58 -17.84
CA GLY B 236 25.97 12.70 -17.07
C GLY B 236 25.90 12.37 -15.60
N PHE B 237 26.91 12.74 -14.84
CA PHE B 237 26.86 12.47 -13.41
C PHE B 237 26.88 13.78 -12.62
N ALA B 238 26.12 13.84 -11.52
CA ALA B 238 26.20 14.94 -10.56
C ALA B 238 25.99 14.30 -9.20
N GLU B 239 26.50 14.86 -8.13
CA GLU B 239 26.43 14.23 -6.84
C GLU B 239 25.01 14.15 -6.36
N ALA B 240 24.46 12.99 -5.98
CA ALA B 240 23.07 12.97 -5.57
C ALA B 240 22.96 13.73 -4.27
N ALA B 241 21.79 14.26 -4.03
CA ALA B 241 21.54 14.99 -2.82
C ALA B 241 20.83 14.06 -1.85
N VAL C 2 22.75 -9.68 -8.24
CA VAL C 2 21.88 -9.26 -9.33
C VAL C 2 22.73 -8.32 -10.17
N VAL C 3 22.99 -8.83 -11.36
CA VAL C 3 23.72 -8.13 -12.39
C VAL C 3 22.92 -8.53 -13.59
N ALA C 5 22.59 -7.88 -19.25
CA ALA C 5 22.43 -8.95 -20.20
C ALA C 5 23.78 -9.21 -20.83
N GLY D 1 -34.19 -16.23 11.59
CA GLY D 1 -32.82 -15.85 11.23
C GLY D 1 -32.36 -16.68 10.04
N PRO D 2 -31.38 -16.35 9.21
CA PRO D 2 -30.60 -15.12 9.26
C PRO D 2 -31.31 -14.03 8.49
N ILE D 3 -31.20 -12.79 8.94
CA ILE D 3 -31.91 -11.71 8.31
C ILE D 3 -30.81 -10.89 7.67
N PRO D 4 -30.64 -10.87 6.35
CA PRO D 4 -29.73 -9.94 5.71
C PRO D 4 -30.32 -8.56 5.77
N GLU D 5 -29.52 -7.54 5.96
CA GLU D 5 -30.00 -6.19 5.97
C GLU D 5 -29.00 -5.44 5.09
N VAL D 6 -29.52 -4.89 4.00
CA VAL D 6 -28.75 -4.14 3.01
C VAL D 6 -28.48 -2.73 3.51
N LEU D 7 -27.21 -2.35 3.51
CA LEU D 7 -26.80 -1.04 4.00
C LEU D 7 -26.59 -0.14 2.80
N LYS D 8 -26.63 1.19 2.95
CA LYS D 8 -26.24 2.05 1.86
C LYS D 8 -24.91 2.56 2.33
N ASN D 9 -24.08 2.83 1.34
CA ASN D 9 -22.73 3.32 1.59
C ASN D 9 -22.77 4.76 1.15
N TYR D 10 -22.37 5.65 2.04
CA TYR D 10 -22.24 7.04 1.72
C TYR D 10 -20.78 7.45 1.96
N MET D 11 -20.02 7.64 0.87
CA MET D 11 -18.64 8.13 0.85
C MET D 11 -17.65 7.32 1.62
N ASP D 12 -17.93 6.06 1.91
CA ASP D 12 -17.13 5.21 2.79
C ASP D 12 -16.93 5.85 4.15
N ALA D 13 -17.86 6.73 4.47
CA ALA D 13 -17.86 7.44 5.72
C ALA D 13 -19.07 6.91 6.50
N GLN D 14 -20.28 6.87 5.91
CA GLN D 14 -21.52 6.44 6.56
C GLN D 14 -22.18 5.22 5.94
N TYR D 15 -22.39 4.16 6.71
CA TYR D 15 -23.06 2.96 6.24
C TYR D 15 -24.34 2.86 7.06
N TYR D 16 -25.52 2.79 6.48
CA TYR D 16 -26.76 2.80 7.25
C TYR D 16 -27.82 1.92 6.60
N GLY D 17 -28.71 1.27 7.36
CA GLY D 17 -29.78 0.47 6.77
C GLY D 17 -31.14 0.95 7.28
N GLU D 18 -32.24 0.38 6.81
CA GLU D 18 -33.57 0.82 7.16
C GLU D 18 -34.22 -0.10 8.17
N ILE D 19 -34.86 0.42 9.19
CA ILE D 19 -35.56 -0.37 10.16
C ILE D 19 -36.91 0.31 10.28
N GLY D 20 -37.87 -0.33 10.92
CA GLY D 20 -39.20 0.18 11.05
C GLY D 20 -39.48 0.19 12.53
N ILE D 21 -40.12 1.24 13.04
CA ILE D 21 -40.51 1.28 14.44
C ILE D 21 -42.01 1.54 14.45
N GLY D 22 -42.81 0.68 15.06
CA GLY D 22 -44.22 1.00 15.21
C GLY D 22 -45.14 -0.05 14.60
N THR D 23 -46.43 -0.12 14.91
CA THR D 23 -47.29 -1.02 14.17
C THR D 23 -48.37 -0.10 13.73
N PRO D 24 -48.62 0.21 12.46
CA PRO D 24 -47.76 -0.12 11.33
C PRO D 24 -46.41 0.59 11.40
N PRO D 25 -45.34 -0.01 10.86
CA PRO D 25 -43.96 0.40 11.05
C PRO D 25 -43.68 1.72 10.38
N GLN D 26 -42.88 2.54 11.03
CA GLN D 26 -42.44 3.78 10.43
C GLN D 26 -40.99 3.54 10.05
N CYS D 27 -40.60 3.83 8.81
CA CYS D 27 -39.25 3.52 8.38
C CYS D 27 -38.18 4.57 8.59
N PHE D 28 -37.16 4.17 9.36
CA PHE D 28 -35.97 4.98 9.70
C PHE D 28 -34.67 4.39 9.18
N THR D 29 -33.69 5.15 8.68
CA THR D 29 -32.38 4.63 8.27
C THR D 29 -31.43 4.84 9.42
N VAL D 30 -30.61 3.88 9.83
CA VAL D 30 -29.83 4.01 11.06
C VAL D 30 -28.48 3.40 10.84
N VAL D 31 -27.44 3.78 11.58
CA VAL D 31 -26.20 3.08 11.45
C VAL D 31 -26.26 2.00 12.51
N PHE D 32 -25.82 0.82 12.17
CA PHE D 32 -25.79 -0.25 13.13
C PHE D 32 -24.39 -0.12 13.72
N ASP D 33 -24.34 0.52 14.87
CA ASP D 33 -23.11 0.89 15.53
C ASP D 33 -22.57 -0.09 16.55
N THR D 34 -21.57 -0.88 16.23
CA THR D 34 -20.93 -1.74 17.24
C THR D 34 -20.17 -0.99 18.35
N GLY D 35 -20.17 0.35 18.29
CA GLY D 35 -19.51 1.17 19.26
C GLY D 35 -20.47 1.83 20.24
N SER D 36 -21.76 1.53 20.23
CA SER D 36 -22.61 2.06 21.27
C SER D 36 -23.71 1.06 21.54
N SER D 37 -24.59 1.28 22.52
CA SER D 37 -25.65 0.33 22.81
C SER D 37 -27.06 0.91 22.83
N ASN D 38 -27.44 2.04 22.20
CA ASN D 38 -28.82 2.55 22.26
C ASN D 38 -29.38 2.78 20.87
N LEU D 39 -30.69 2.64 20.78
CA LEU D 39 -31.43 2.90 19.57
C LEU D 39 -32.17 4.17 19.89
N TRP D 40 -32.16 5.12 18.97
CA TRP D 40 -32.98 6.31 19.10
C TRP D 40 -33.22 6.80 17.70
N VAL D 41 -34.34 7.51 17.51
CA VAL D 41 -34.71 8.17 16.25
C VAL D 41 -35.31 9.52 16.64
N PRO D 42 -35.44 10.56 15.80
CA PRO D 42 -36.04 11.84 16.15
C PRO D 42 -37.50 11.68 16.53
N SER D 43 -38.02 12.51 17.41
CA SER D 43 -39.41 12.43 17.75
C SER D 43 -40.18 13.49 16.97
N ILE D 44 -41.47 13.41 16.59
CA ILE D 44 -42.18 14.56 16.02
C ILE D 44 -42.31 15.62 17.11
N HIS D 45 -41.99 15.31 18.37
CA HIS D 45 -42.08 16.29 19.44
C HIS D 45 -40.72 16.98 19.64
N CYS D 46 -39.86 16.96 18.61
CA CYS D 46 -38.51 17.50 18.72
C CYS D 46 -38.61 19.01 18.79
N LYS D 47 -37.70 19.65 19.48
CA LYS D 47 -37.76 21.09 19.62
C LYS D 47 -37.38 21.72 18.30
N LEU D 48 -37.79 22.95 17.97
CA LEU D 48 -37.37 23.61 16.74
C LEU D 48 -35.85 23.82 16.74
N LEU D 49 -35.22 23.75 17.93
CA LEU D 49 -33.77 23.76 18.11
C LEU D 49 -33.06 22.58 17.45
N ASP D 50 -33.73 21.46 17.32
CA ASP D 50 -33.08 20.31 16.83
C ASP D 50 -33.14 20.40 15.32
N ILE D 51 -32.19 21.13 14.73
CA ILE D 51 -32.13 21.34 13.29
C ILE D 51 -32.07 19.98 12.61
N ALA D 52 -31.52 18.98 13.29
CA ALA D 52 -31.47 17.64 12.74
C ALA D 52 -32.85 17.08 12.40
N CYS D 53 -33.90 17.29 13.21
CA CYS D 53 -35.16 16.68 12.85
C CYS D 53 -35.87 17.55 11.86
N TRP D 54 -35.44 18.75 11.49
CA TRP D 54 -36.12 19.46 10.42
C TRP D 54 -35.98 18.61 9.15
N ILE D 55 -34.91 17.80 9.00
CA ILE D 55 -34.65 17.08 7.76
C ILE D 55 -34.51 15.55 7.90
N HIS D 56 -34.84 14.92 9.03
CA HIS D 56 -34.68 13.48 9.14
C HIS D 56 -36.05 12.90 9.41
N HIS D 57 -36.26 11.61 9.65
CA HIS D 57 -37.60 11.15 9.86
C HIS D 57 -37.75 11.27 11.36
N LYS D 58 -39.02 11.44 11.68
CA LYS D 58 -39.48 11.69 13.02
C LYS D 58 -40.50 10.61 13.32
N TYR D 59 -40.42 9.95 14.48
CA TYR D 59 -41.34 8.92 14.93
C TYR D 59 -42.60 9.52 15.55
N ASN D 60 -43.78 9.13 15.08
CA ASN D 60 -45.05 9.66 15.57
C ASN D 60 -45.86 8.62 16.35
N SER D 61 -45.65 8.60 17.65
CA SER D 61 -46.30 7.69 18.58
C SER D 61 -47.76 7.41 18.33
N ASP D 62 -48.56 8.43 18.07
CA ASP D 62 -50.00 8.28 17.85
C ASP D 62 -50.34 7.37 16.69
N LYS D 63 -49.44 7.15 15.74
CA LYS D 63 -49.72 6.25 14.64
C LYS D 63 -49.19 4.83 14.91
N SER D 64 -49.05 4.39 16.17
CA SER D 64 -48.63 3.04 16.40
C SER D 64 -49.55 2.37 17.38
N SER D 65 -50.16 1.27 16.96
CA SER D 65 -50.96 0.47 17.86
C SER D 65 -50.12 -0.14 18.98
N THR D 66 -48.78 -0.30 18.88
CA THR D 66 -47.92 -0.96 19.89
C THR D 66 -47.07 -0.14 20.88
N TYR D 67 -47.22 1.18 20.78
CA TYR D 67 -46.50 2.17 21.55
C TYR D 67 -46.84 2.08 23.02
N VAL D 68 -45.86 2.01 23.90
CA VAL D 68 -46.08 2.05 25.34
C VAL D 68 -45.26 3.25 25.79
N LYS D 69 -45.83 4.23 26.48
CA LYS D 69 -45.04 5.36 26.93
C LYS D 69 -44.08 4.93 28.00
N ASN D 70 -43.11 5.79 28.29
CA ASN D 70 -42.10 5.48 29.29
C ASN D 70 -41.67 6.81 29.83
N GLY D 71 -41.33 7.74 28.96
CA GLY D 71 -41.02 9.09 29.38
C GLY D 71 -39.67 9.30 30.04
N THR D 72 -38.86 8.33 30.46
CA THR D 72 -37.62 8.65 31.16
C THR D 72 -36.69 9.35 30.22
N SER D 73 -35.92 10.28 30.75
CA SER D 73 -35.03 11.05 29.91
C SER D 73 -33.69 10.38 29.81
N PHE D 74 -33.12 10.39 28.61
CA PHE D 74 -31.79 9.85 28.39
C PHE D 74 -30.98 11.01 27.86
N ASP D 75 -29.69 10.76 27.73
CA ASP D 75 -28.71 11.73 27.25
C ASP D 75 -27.56 10.88 26.68
N ILE D 76 -27.02 11.02 25.46
CA ILE D 76 -25.89 10.18 25.03
C ILE D 76 -24.83 11.05 24.40
N HIS D 77 -23.56 10.73 24.62
CA HIS D 77 -22.50 11.54 24.05
C HIS D 77 -21.72 10.59 23.20
N TYR D 78 -21.62 10.93 21.93
CA TYR D 78 -20.79 10.18 21.02
C TYR D 78 -19.52 11.00 20.86
N GLY D 79 -18.48 10.38 20.30
CA GLY D 79 -17.27 11.08 19.96
C GLY D 79 -17.62 12.21 19.01
N SER D 80 -18.58 12.00 18.11
CA SER D 80 -19.06 13.01 17.18
C SER D 80 -20.26 13.87 17.56
N GLY D 81 -20.86 13.93 18.74
CA GLY D 81 -22.04 14.77 18.93
C GLY D 81 -22.90 14.30 20.09
N SER D 82 -23.70 15.15 20.69
CA SER D 82 -24.55 14.68 21.76
C SER D 82 -25.99 14.83 21.37
N LEU D 83 -26.89 14.27 22.15
CA LEU D 83 -28.31 14.46 21.94
C LEU D 83 -29.03 14.00 23.18
N SER D 84 -30.33 14.25 23.23
CA SER D 84 -31.13 13.86 24.36
C SER D 84 -32.58 13.87 23.98
N GLY D 85 -33.40 13.20 24.81
CA GLY D 85 -34.84 13.10 24.66
C GLY D 85 -35.39 12.23 25.78
N TYR D 86 -36.45 11.49 25.48
CA TYR D 86 -37.12 10.62 26.43
C TYR D 86 -37.27 9.25 25.80
N LEU D 87 -37.36 8.22 26.60
CA LEU D 87 -37.42 6.85 26.16
C LEU D 87 -38.86 6.51 25.95
N SER D 88 -39.04 5.52 25.07
CA SER D 88 -40.34 5.02 24.75
C SER D 88 -40.24 3.56 24.38
N GLN D 89 -41.36 2.90 24.18
CA GLN D 89 -41.35 1.49 23.87
C GLN D 89 -42.25 1.23 22.69
N ASP D 90 -41.81 0.33 21.78
CA ASP D 90 -42.57 -0.09 20.62
C ASP D 90 -41.87 -1.31 19.97
N THR D 91 -42.35 -1.76 18.80
CA THR D 91 -41.82 -2.90 18.08
C THR D 91 -40.80 -2.38 17.08
N VAL D 92 -39.64 -3.03 16.93
CA VAL D 92 -38.65 -2.67 15.94
C VAL D 92 -38.63 -3.78 14.91
N SER D 93 -38.80 -3.47 13.62
CA SER D 93 -38.68 -4.44 12.56
C SER D 93 -37.41 -4.13 11.79
N VAL D 94 -36.56 -5.13 11.62
CA VAL D 94 -35.35 -5.01 10.84
C VAL D 94 -35.75 -6.03 9.80
N PRO D 95 -35.88 -5.75 8.50
CA PRO D 95 -36.02 -4.42 7.92
C PRO D 95 -37.40 -3.85 8.11
N CYS D 96 -37.71 -2.79 7.39
CA CYS D 96 -39.02 -2.18 7.49
C CYS D 96 -40.00 -3.14 6.83
N GLN D 97 -40.56 -4.04 7.64
CA GLN D 97 -41.42 -5.10 7.13
C GLN D 97 -42.85 -4.79 7.56
N GLY E 1 -37.13 -12.97 5.57
CA GLY E 1 -38.29 -12.29 6.13
C GLY E 1 -37.68 -11.37 7.18
N GLY E 2 -38.40 -10.39 7.72
CA GLY E 2 -37.80 -9.53 8.72
C GLY E 2 -37.98 -10.16 10.06
N VAL E 3 -37.49 -9.51 11.09
CA VAL E 3 -37.79 -9.94 12.42
C VAL E 3 -38.57 -8.77 12.92
N LYS E 4 -39.23 -9.03 14.03
CA LYS E 4 -39.98 -8.01 14.73
C LYS E 4 -39.52 -8.24 16.14
N VAL E 5 -38.65 -7.37 16.66
CA VAL E 5 -38.23 -7.46 18.04
C VAL E 5 -39.26 -6.60 18.73
N GLU E 6 -40.03 -7.18 19.61
CA GLU E 6 -41.09 -6.43 20.25
C GLU E 6 -40.70 -6.02 21.65
N ARG E 7 -41.34 -4.92 22.02
CA ARG E 7 -41.19 -4.21 23.26
C ARG E 7 -39.78 -3.77 23.61
N GLN E 8 -39.26 -3.22 22.51
CA GLN E 8 -37.96 -2.61 22.53
C GLN E 8 -38.19 -1.19 23.00
N VAL E 9 -37.32 -0.77 23.91
CA VAL E 9 -37.25 0.58 24.42
C VAL E 9 -36.21 1.33 23.58
N PHE E 10 -36.52 2.54 23.17
CA PHE E 10 -35.62 3.33 22.37
C PHE E 10 -35.75 4.78 22.79
N GLY E 11 -34.84 5.68 22.49
CA GLY E 11 -35.04 7.05 22.85
C GLY E 11 -35.65 7.76 21.66
N GLU E 12 -36.32 8.85 21.92
CA GLU E 12 -36.91 9.73 20.91
C GLU E 12 -36.09 10.99 21.10
N ALA E 13 -35.28 11.39 20.13
CA ALA E 13 -34.47 12.56 20.29
C ALA E 13 -35.25 13.84 20.12
N THR E 14 -35.17 14.73 21.09
CA THR E 14 -35.80 16.00 21.02
C THR E 14 -34.80 17.12 20.86
N LYS E 15 -33.53 16.99 21.25
CA LYS E 15 -32.52 18.01 21.04
C LYS E 15 -31.27 17.27 20.63
N GLN E 16 -30.67 17.75 19.55
CA GLN E 16 -29.42 17.20 19.05
C GLN E 16 -28.69 18.39 18.43
N PRO E 17 -27.72 19.01 19.11
CA PRO E 17 -26.94 20.11 18.57
C PRO E 17 -25.70 19.76 17.78
N GLY E 18 -25.29 20.70 16.93
CA GLY E 18 -24.07 20.52 16.19
C GLY E 18 -24.34 20.27 14.72
N ILE E 19 -23.31 20.46 13.92
CA ILE E 19 -23.37 20.21 12.49
C ILE E 19 -23.57 18.73 12.21
N THR E 20 -23.04 17.91 13.12
CA THR E 20 -22.96 16.47 12.93
C THR E 20 -24.26 15.81 12.58
N PHE E 21 -25.28 15.78 13.46
CA PHE E 21 -26.48 15.11 13.06
C PHE E 21 -27.22 15.89 12.00
N ILE E 22 -26.92 17.16 11.65
CA ILE E 22 -27.57 17.87 10.54
C ILE E 22 -27.09 17.26 9.23
N ALA E 23 -25.79 17.06 9.15
CA ALA E 23 -25.15 16.62 7.94
C ALA E 23 -25.34 15.14 7.68
N ALA E 24 -25.25 14.38 8.77
CA ALA E 24 -25.37 12.94 8.75
C ALA E 24 -26.54 12.45 7.91
N LYS E 25 -26.25 11.54 7.00
CA LYS E 25 -27.20 10.99 6.04
C LYS E 25 -28.27 10.09 6.67
N PHE E 26 -28.05 9.69 7.92
CA PHE E 26 -28.87 8.77 8.65
C PHE E 26 -29.78 9.43 9.69
N ASP E 27 -30.97 8.83 9.93
CA ASP E 27 -31.94 9.31 10.91
C ASP E 27 -31.55 9.03 12.34
N GLY E 28 -30.95 7.89 12.69
CA GLY E 28 -30.60 7.61 14.08
C GLY E 28 -29.48 6.59 14.22
N ILE E 29 -29.30 5.95 15.37
CA ILE E 29 -28.25 4.99 15.61
C ILE E 29 -28.86 3.76 16.30
N LEU E 30 -28.56 2.53 15.86
CA LEU E 30 -28.99 1.39 16.63
C LEU E 30 -27.67 0.86 17.13
N GLY E 31 -27.41 0.93 18.42
CA GLY E 31 -26.17 0.44 19.01
C GLY E 31 -26.16 -1.08 19.22
N MET E 32 -25.04 -1.74 18.93
CA MET E 32 -24.98 -3.20 19.01
C MET E 32 -23.84 -3.66 19.87
N ALA E 33 -23.45 -2.82 20.83
CA ALA E 33 -22.39 -3.13 21.75
C ALA E 33 -23.01 -3.78 22.97
N TYR E 34 -22.25 -3.88 24.05
CA TYR E 34 -22.71 -4.55 25.23
C TYR E 34 -23.59 -3.69 26.11
N PRO E 35 -24.61 -4.27 26.75
CA PRO E 35 -25.48 -3.61 27.70
C PRO E 35 -24.75 -2.86 28.79
N ARG E 36 -23.53 -3.29 29.10
CA ARG E 36 -22.68 -2.61 30.07
C ARG E 36 -22.55 -1.13 29.72
N ILE E 37 -22.57 -0.69 28.46
CA ILE E 37 -22.47 0.73 28.20
C ILE E 37 -23.77 1.37 27.70
N SER E 38 -24.91 0.74 27.96
CA SER E 38 -26.18 1.25 27.48
C SER E 38 -26.61 2.50 28.24
N VAL E 39 -27.01 3.62 27.66
CA VAL E 39 -27.50 4.73 28.49
C VAL E 39 -28.88 4.33 29.06
N ASN E 40 -29.11 4.69 30.33
CA ASN E 40 -30.26 4.34 31.18
C ASN E 40 -30.50 2.84 31.34
N ASN E 41 -29.39 2.10 31.17
CA ASN E 41 -29.32 0.64 31.22
C ASN E 41 -30.45 -0.02 30.47
N VAL E 42 -30.70 0.51 29.27
CA VAL E 42 -31.79 0.02 28.47
C VAL E 42 -31.33 -1.31 27.88
N LEU E 43 -32.21 -2.30 27.72
CA LEU E 43 -31.78 -3.58 27.17
C LEU E 43 -31.56 -3.35 25.67
N PRO E 44 -30.40 -3.57 25.05
CA PRO E 44 -30.17 -3.29 23.63
C PRO E 44 -30.84 -4.22 22.60
N VAL E 45 -31.21 -3.70 21.43
CA VAL E 45 -31.95 -4.43 20.38
C VAL E 45 -31.50 -5.86 20.12
N PHE E 46 -30.21 -6.13 19.99
CA PHE E 46 -29.72 -7.47 19.77
C PHE E 46 -29.94 -8.30 21.02
N ASP E 47 -29.74 -7.75 22.21
CA ASP E 47 -30.03 -8.51 23.40
C ASP E 47 -31.50 -8.84 23.48
N ASN E 48 -32.43 -7.95 23.09
CA ASN E 48 -33.85 -8.28 23.16
C ASN E 48 -34.22 -9.37 22.15
N LEU E 49 -33.65 -9.29 20.95
CA LEU E 49 -33.83 -10.29 19.89
C LEU E 49 -33.31 -11.64 20.39
N MET E 50 -32.14 -11.61 21.02
CA MET E 50 -31.50 -12.78 21.56
C MET E 50 -32.42 -13.43 22.55
N GLN E 51 -32.93 -12.64 23.49
CA GLN E 51 -33.80 -13.11 24.55
C GLN E 51 -35.05 -13.72 23.93
N GLN E 52 -35.61 -13.03 22.94
CA GLN E 52 -36.81 -13.49 22.29
C GLN E 52 -36.56 -14.68 21.40
N LYS E 53 -35.30 -15.09 21.28
CA LYS E 53 -34.82 -16.20 20.48
C LYS E 53 -35.36 -16.18 19.06
N LEU E 54 -34.92 -15.21 18.28
CA LEU E 54 -35.38 -15.06 16.91
C LEU E 54 -34.36 -15.49 15.84
N VAL E 55 -33.12 -15.77 16.27
CA VAL E 55 -32.01 -16.19 15.39
C VAL E 55 -31.35 -17.42 16.04
N ASP E 56 -30.96 -18.35 15.16
CA ASP E 56 -30.32 -19.61 15.54
C ASP E 56 -28.94 -19.44 16.14
N GLN E 57 -28.16 -18.45 15.71
CA GLN E 57 -26.81 -18.27 16.19
C GLN E 57 -26.76 -16.81 16.57
N ASN E 58 -26.22 -16.50 17.72
CA ASN E 58 -26.23 -15.13 18.17
C ASN E 58 -24.99 -14.45 17.72
N ILE E 59 -24.94 -14.29 16.42
CA ILE E 59 -23.81 -13.67 15.79
C ILE E 59 -24.37 -12.67 14.80
N PHE E 60 -23.63 -11.64 14.40
CA PHE E 60 -24.11 -10.76 13.34
C PHE E 60 -22.86 -10.37 12.57
N SER E 61 -22.88 -10.11 11.26
CA SER E 61 -21.69 -9.90 10.46
C SER E 61 -21.74 -8.71 9.52
N PHE E 62 -20.65 -8.00 9.30
CA PHE E 62 -20.69 -6.89 8.37
C PHE E 62 -19.88 -7.04 7.11
N TYR E 63 -20.42 -6.68 5.96
CA TYR E 63 -19.64 -6.61 4.75
C TYR E 63 -19.81 -5.14 4.39
N LEU E 64 -18.75 -4.44 4.02
CA LEU E 64 -18.86 -3.06 3.66
C LEU E 64 -18.12 -2.84 2.34
N SER E 65 -18.83 -2.26 1.39
CA SER E 65 -18.23 -1.92 0.12
C SER E 65 -17.37 -0.72 0.34
N ARG E 66 -16.21 -0.79 -0.28
CA ARG E 66 -15.35 0.37 -0.33
C ARG E 66 -15.57 1.13 -1.62
N ASP E 67 -16.42 0.74 -2.57
CA ASP E 67 -16.62 1.58 -3.75
C ASP E 67 -17.90 2.35 -3.52
N PRO E 68 -17.86 3.68 -3.47
CA PRO E 68 -19.05 4.53 -3.42
C PRO E 68 -20.19 4.28 -4.41
N ASP E 69 -19.95 3.73 -5.58
CA ASP E 69 -21.02 3.48 -6.56
C ASP E 69 -21.69 2.13 -6.31
N ALA E 70 -20.80 1.15 -6.09
CA ALA E 70 -21.18 -0.24 -5.93
C ALA E 70 -22.35 -0.42 -4.99
N GLN E 71 -23.39 -0.99 -5.56
CA GLN E 71 -24.52 -1.42 -4.75
C GLN E 71 -24.30 -2.93 -4.53
N PRO E 72 -24.70 -3.61 -3.44
CA PRO E 72 -25.17 -3.01 -2.21
C PRO E 72 -23.99 -2.32 -1.54
N GLY E 73 -24.23 -1.24 -0.81
CA GLY E 73 -23.15 -0.57 -0.13
C GLY E 73 -22.56 -1.42 0.99
N GLY E 74 -23.29 -2.39 1.52
CA GLY E 74 -22.72 -3.28 2.51
C GLY E 74 -23.77 -4.32 2.84
N GLU E 75 -23.50 -5.19 3.79
CA GLU E 75 -24.56 -6.08 4.22
C GLU E 75 -24.32 -6.51 5.66
N LEU E 76 -25.35 -6.37 6.48
CA LEU E 76 -25.36 -6.88 7.84
C LEU E 76 -26.19 -8.15 7.78
N MET E 77 -25.72 -9.20 8.43
CA MET E 77 -26.56 -10.34 8.53
C MET E 77 -26.69 -10.62 9.99
N LEU E 78 -27.97 -10.65 10.36
CA LEU E 78 -28.40 -10.89 11.71
C LEU E 78 -28.58 -12.37 11.86
N GLY E 79 -27.72 -13.01 12.62
CA GLY E 79 -27.91 -14.41 12.89
C GLY E 79 -27.20 -15.35 11.95
N GLY E 80 -26.01 -14.99 11.49
CA GLY E 80 -25.25 -15.86 10.63
C GLY E 80 -24.25 -15.04 9.83
N THR E 81 -23.42 -15.72 9.06
CA THR E 81 -22.43 -15.07 8.23
C THR E 81 -22.85 -15.22 6.79
N ASP E 82 -22.18 -14.56 5.84
CA ASP E 82 -22.55 -14.68 4.46
C ASP E 82 -21.30 -15.08 3.72
N SER E 83 -21.29 -16.24 3.09
CA SER E 83 -20.06 -16.68 2.49
C SER E 83 -19.73 -15.97 1.20
N LYS E 84 -20.59 -15.28 0.46
CA LYS E 84 -20.07 -14.70 -0.77
C LYS E 84 -19.32 -13.41 -0.49
N TYR E 85 -19.34 -12.92 0.73
CA TYR E 85 -18.63 -11.71 1.00
C TYR E 85 -17.26 -11.84 1.61
N TYR E 86 -16.73 -13.00 2.03
CA TYR E 86 -15.38 -13.03 2.54
C TYR E 86 -14.67 -14.16 1.83
N LYS E 87 -13.36 -14.29 1.91
CA LYS E 87 -12.75 -15.45 1.32
C LYS E 87 -11.78 -15.98 2.35
N GLY E 88 -11.69 -17.30 2.39
CA GLY E 88 -10.84 -17.94 3.34
C GLY E 88 -11.73 -18.49 4.43
N SER E 89 -11.13 -18.70 5.59
CA SER E 89 -11.82 -19.19 6.74
C SER E 89 -11.74 -18.05 7.76
N LEU E 90 -12.71 -17.85 8.65
CA LEU E 90 -12.62 -16.74 9.59
C LEU E 90 -11.56 -17.03 10.64
N SER E 91 -10.89 -15.97 11.09
CA SER E 91 -9.86 -15.99 12.11
C SER E 91 -10.52 -15.35 13.33
N TYR E 92 -10.61 -15.99 14.49
CA TYR E 92 -11.28 -15.41 15.64
C TYR E 92 -10.27 -15.08 16.72
N LEU E 93 -10.66 -14.15 17.58
CA LEU E 93 -9.93 -13.78 18.77
C LEU E 93 -11.02 -13.27 19.70
N ASN E 94 -10.72 -13.32 20.99
CA ASN E 94 -11.72 -13.08 22.01
C ASN E 94 -11.78 -11.63 22.43
N VAL E 95 -12.93 -11.26 23.01
CA VAL E 95 -13.20 -9.92 23.50
C VAL E 95 -12.51 -9.79 24.85
N THR E 96 -11.69 -8.78 25.03
CA THR E 96 -10.99 -8.58 26.28
C THR E 96 -11.77 -7.85 27.37
N ARG E 97 -12.79 -7.05 27.08
CA ARG E 97 -13.62 -6.33 28.05
C ARG E 97 -14.96 -6.22 27.37
N LYS E 98 -16.04 -6.48 28.06
CA LYS E 98 -17.34 -6.51 27.44
C LYS E 98 -18.08 -5.19 27.49
N ALA E 99 -17.64 -4.14 26.82
CA ALA E 99 -18.41 -2.90 26.91
C ALA E 99 -18.55 -2.57 25.44
N TYR E 100 -17.46 -2.16 24.81
CA TYR E 100 -17.42 -2.05 23.38
C TYR E 100 -17.01 -3.47 22.97
N TRP E 101 -16.77 -3.70 21.68
CA TRP E 101 -16.29 -4.95 21.17
C TRP E 101 -14.81 -4.68 21.21
N GLN E 102 -14.28 -4.95 22.39
CA GLN E 102 -12.91 -4.66 22.67
C GLN E 102 -12.02 -5.88 22.54
N VAL E 103 -10.89 -5.68 21.91
CA VAL E 103 -10.00 -6.75 21.57
C VAL E 103 -8.54 -6.28 21.73
N HIS E 104 -7.57 -7.17 21.92
CA HIS E 104 -6.18 -6.80 22.04
C HIS E 104 -5.40 -6.69 20.75
N LEU E 105 -4.75 -5.55 20.56
CA LEU E 105 -3.89 -5.31 19.43
C LEU E 105 -2.47 -5.72 19.84
N ASP E 106 -1.71 -6.49 19.06
CA ASP E 106 -0.37 -6.93 19.46
C ASP E 106 0.58 -5.79 19.17
N GLN E 107 0.50 -5.17 17.99
CA GLN E 107 1.27 -4.00 17.62
C GLN E 107 0.86 -3.58 16.21
N VAL E 108 1.21 -2.36 15.83
CA VAL E 108 0.82 -1.80 14.56
C VAL E 108 2.11 -1.46 13.84
N GLU E 109 2.45 -1.96 12.65
CA GLU E 109 3.70 -1.54 12.07
C GLU E 109 3.65 -0.97 10.66
N VAL E 110 4.14 0.25 10.53
CA VAL E 110 4.23 0.89 9.23
C VAL E 110 5.47 0.22 8.68
N ALA E 111 5.32 -0.32 7.46
CA ALA E 111 6.37 -1.08 6.75
C ALA E 111 7.78 -0.51 6.77
N SER E 112 7.92 0.80 6.57
CA SER E 112 9.19 1.52 6.69
C SER E 112 9.99 1.19 7.96
N GLY E 113 9.32 0.66 8.98
CA GLY E 113 9.97 0.34 10.21
C GLY E 113 9.51 1.31 11.27
N LEU E 114 8.26 1.79 11.25
CA LEU E 114 7.85 2.61 12.36
C LEU E 114 6.91 1.64 13.02
N THR E 115 7.16 1.32 14.26
CA THR E 115 6.37 0.32 14.91
C THR E 115 5.63 1.09 15.95
N LEU E 116 4.31 1.24 15.84
CA LEU E 116 3.53 1.92 16.86
C LEU E 116 2.90 0.80 17.67
N CYS E 117 2.55 1.06 18.93
CA CYS E 117 1.94 0.06 19.79
C CYS E 117 2.85 -1.16 19.94
N LYS E 118 4.18 -1.04 19.79
CA LYS E 118 5.01 -2.18 20.11
C LYS E 118 4.97 -2.13 21.63
N GLU E 119 4.50 -3.31 22.08
CA GLU E 119 4.25 -3.77 23.45
C GLU E 119 2.75 -4.08 23.60
N GLY E 120 1.95 -3.84 22.54
CA GLY E 120 0.54 -4.18 22.53
C GLY E 120 -0.37 -3.09 23.06
N CYS E 121 -1.57 -2.95 22.49
CA CYS E 121 -2.52 -1.97 22.99
C CYS E 121 -3.94 -2.49 22.83
N GLU E 122 -4.98 -1.73 23.12
CA GLU E 122 -6.35 -2.20 23.07
C GLU E 122 -7.05 -1.48 21.95
N ALA E 123 -7.97 -2.19 21.32
CA ALA E 123 -8.70 -1.66 20.20
C ALA E 123 -10.17 -2.02 20.33
N ILE E 124 -11.09 -1.21 19.82
CA ILE E 124 -12.49 -1.63 19.79
C ILE E 124 -12.78 -1.76 18.31
N VAL E 125 -13.60 -2.72 17.88
CA VAL E 125 -13.91 -2.92 16.45
C VAL E 125 -15.19 -2.10 16.23
N ASP E 126 -15.30 -1.01 15.47
CA ASP E 126 -16.50 -0.18 15.50
C ASP E 126 -17.00 0.24 14.14
N THR E 127 -18.15 -0.29 13.74
CA THR E 127 -18.80 0.01 12.48
C THR E 127 -19.32 1.42 12.40
N GLY E 128 -19.42 2.09 13.53
CA GLY E 128 -19.87 3.46 13.55
C GLY E 128 -18.72 4.45 13.42
N THR E 129 -17.47 4.09 13.16
CA THR E 129 -16.43 5.10 13.05
C THR E 129 -15.79 4.96 11.69
N SER E 130 -15.83 6.02 10.89
CA SER E 130 -15.39 5.93 9.52
C SER E 130 -13.94 5.57 9.29
N LEU E 131 -13.06 6.12 10.09
CA LEU E 131 -11.65 5.96 9.84
C LEU E 131 -11.06 5.03 10.87
N MET E 132 -9.74 4.86 10.87
CA MET E 132 -9.11 4.13 11.94
C MET E 132 -8.74 5.22 12.95
N VAL E 133 -8.85 5.14 14.29
CA VAL E 133 -8.30 6.22 15.09
C VAL E 133 -7.35 5.53 16.03
N GLY E 134 -6.43 6.34 16.53
CA GLY E 134 -5.43 5.94 17.49
C GLY E 134 -4.96 7.17 18.22
N PRO E 135 -4.12 7.06 19.24
CA PRO E 135 -3.67 8.15 20.08
C PRO E 135 -2.97 9.19 19.24
N VAL E 136 -3.34 10.46 19.45
CA VAL E 136 -2.87 11.63 18.71
C VAL E 136 -1.42 11.61 18.29
N ASP E 137 -0.56 11.62 19.30
CA ASP E 137 0.87 11.61 19.09
C ASP E 137 1.33 10.41 18.29
N GLU E 138 0.77 9.22 18.51
CA GLU E 138 1.25 8.05 17.81
C GLU E 138 0.89 8.12 16.35
N VAL E 139 -0.34 8.58 16.09
CA VAL E 139 -0.85 8.76 14.74
C VAL E 139 -0.08 9.85 14.05
N ARG E 140 0.24 10.98 14.67
CA ARG E 140 1.06 12.01 14.06
C ARG E 140 2.32 11.37 13.48
N GLU E 141 3.02 10.60 14.32
CA GLU E 141 4.23 9.90 13.96
C GLU E 141 3.95 9.05 12.74
N LEU E 142 2.89 8.25 12.77
CA LEU E 142 2.55 7.39 11.66
C LEU E 142 2.33 8.23 10.40
N GLN E 143 1.70 9.38 10.57
CA GLN E 143 1.31 10.23 9.45
C GLN E 143 2.51 10.82 8.76
N LYS E 144 3.42 11.38 9.55
CA LYS E 144 4.62 11.98 9.00
C LYS E 144 5.39 10.89 8.28
N ALA E 145 5.43 9.66 8.80
CA ALA E 145 6.16 8.60 8.12
C ALA E 145 5.61 8.27 6.74
N ILE E 146 4.35 8.54 6.45
CA ILE E 146 3.84 8.27 5.11
C ILE E 146 3.56 9.57 4.39
N GLY E 147 4.08 10.65 4.96
CA GLY E 147 4.01 11.96 4.37
C GLY E 147 2.61 12.57 4.26
N ALA E 148 1.73 12.39 5.22
CA ALA E 148 0.46 13.08 5.11
C ALA E 148 0.57 14.35 5.93
N VAL E 149 -0.03 15.43 5.41
CA VAL E 149 0.00 16.75 6.07
C VAL E 149 -1.27 17.02 6.85
N PRO E 150 -1.27 17.82 7.92
CA PRO E 150 -2.47 18.10 8.72
C PRO E 150 -3.55 18.90 8.04
N LEU E 151 -4.78 18.66 8.38
CA LEU E 151 -5.84 19.45 7.88
C LEU E 151 -6.13 20.02 9.27
N ILE E 152 -7.23 19.70 9.95
CA ILE E 152 -7.49 20.22 11.26
C ILE E 152 -7.88 19.00 12.12
N GLN E 153 -7.59 19.13 13.41
CA GLN E 153 -7.92 18.20 14.50
C GLN E 153 -7.65 16.73 14.21
N GLY E 154 -6.41 16.40 14.02
CA GLY E 154 -6.01 15.01 13.82
C GLY E 154 -6.46 14.39 12.51
N GLU E 155 -7.10 15.11 11.59
CA GLU E 155 -7.45 14.59 10.27
C GLU E 155 -6.25 14.97 9.39
N TYR E 156 -5.76 14.09 8.50
CA TYR E 156 -4.58 14.30 7.66
C TYR E 156 -4.92 14.14 6.21
N MET E 157 -4.11 14.64 5.31
CA MET E 157 -4.38 14.57 3.89
C MET E 157 -3.15 14.11 3.12
N ILE E 158 -3.29 13.47 1.97
CA ILE E 158 -2.12 13.11 1.16
C ILE E 158 -2.45 13.65 -0.23
N PRO E 159 -1.52 14.21 -1.01
CA PRO E 159 -1.81 14.59 -2.39
C PRO E 159 -2.07 13.27 -3.08
N CYS E 160 -3.26 13.15 -3.63
CA CYS E 160 -3.72 11.91 -4.24
C CYS E 160 -2.77 11.16 -5.14
N GLU E 161 -1.86 11.89 -5.79
CA GLU E 161 -0.87 11.31 -6.68
C GLU E 161 0.05 10.31 -5.99
N LYS E 162 0.30 10.57 -4.70
CA LYS E 162 1.24 9.74 -3.99
C LYS E 162 0.63 8.46 -3.46
N VAL E 163 -0.70 8.32 -3.38
CA VAL E 163 -1.36 7.15 -2.78
C VAL E 163 -0.72 5.86 -3.25
N SER E 164 -0.67 5.78 -4.58
CA SER E 164 -0.12 4.68 -5.34
C SER E 164 1.30 4.23 -4.97
N THR E 165 2.06 4.95 -4.14
CA THR E 165 3.43 4.59 -3.80
C THR E 165 3.77 4.58 -2.30
N LEU E 166 2.76 4.71 -1.43
CA LEU E 166 2.97 4.74 0.01
C LEU E 166 3.25 3.36 0.59
N PRO E 167 3.77 3.23 1.81
CA PRO E 167 3.94 1.94 2.46
C PRO E 167 2.65 1.28 2.96
N ALA E 168 2.56 -0.04 2.89
CA ALA E 168 1.46 -0.76 3.52
C ALA E 168 1.65 -0.73 5.04
N ILE E 169 0.55 -0.79 5.80
CA ILE E 169 0.63 -0.74 7.24
C ILE E 169 0.02 -2.05 7.72
N THR E 170 0.58 -2.75 8.71
CA THR E 170 0.05 -4.00 9.19
C THR E 170 -0.41 -3.90 10.63
N LEU E 171 -1.61 -4.39 10.91
CA LEU E 171 -2.08 -4.43 12.26
C LEU E 171 -1.99 -5.88 12.61
N LYS E 172 -1.20 -6.23 13.60
CA LYS E 172 -1.12 -7.62 14.04
C LYS E 172 -2.20 -7.83 15.07
N LEU E 173 -3.14 -8.67 14.70
CA LEU E 173 -4.23 -8.97 15.59
C LEU E 173 -4.22 -10.45 15.80
N GLY E 174 -4.04 -10.89 17.04
CA GLY E 174 -4.11 -12.30 17.35
C GLY E 174 -3.18 -13.18 16.52
N GLY E 175 -1.89 -12.91 16.65
CA GLY E 175 -0.90 -13.68 15.95
C GLY E 175 -0.71 -13.06 14.59
N LYS E 176 -1.55 -13.33 13.59
CA LYS E 176 -1.30 -12.84 12.24
C LYS E 176 -1.52 -11.34 11.99
N GLY E 177 -0.89 -10.87 10.90
CA GLY E 177 -0.98 -9.49 10.49
C GLY E 177 -2.11 -9.28 9.49
N TYR E 178 -2.76 -8.13 9.55
CA TYR E 178 -3.84 -7.76 8.66
C TYR E 178 -3.26 -6.54 7.95
N LYS E 179 -3.24 -6.56 6.62
CA LYS E 179 -2.53 -5.52 5.91
C LYS E 179 -3.42 -4.56 5.18
N LEU E 180 -3.09 -3.31 5.41
CA LEU E 180 -3.79 -2.22 4.79
C LEU E 180 -2.87 -1.60 3.77
N SER E 181 -3.21 -1.75 2.50
CA SER E 181 -2.44 -1.13 1.46
C SER E 181 -2.86 0.34 1.38
N PRO E 182 -2.08 1.24 0.78
CA PRO E 182 -2.42 2.64 0.65
C PRO E 182 -3.79 2.93 0.12
N GLU E 183 -4.26 2.22 -0.89
CA GLU E 183 -5.58 2.50 -1.41
C GLU E 183 -6.67 2.08 -0.46
N ASP E 184 -6.33 1.25 0.51
CA ASP E 184 -7.31 0.80 1.50
C ASP E 184 -7.51 1.89 2.55
N TYR E 185 -6.40 2.46 3.02
CA TYR E 185 -6.53 3.44 4.06
C TYR E 185 -6.52 4.87 3.58
N THR E 186 -7.02 5.21 2.39
CA THR E 186 -7.11 6.60 1.98
C THR E 186 -8.50 6.79 1.35
N LEU E 187 -9.21 7.90 1.59
CA LEU E 187 -10.56 8.05 1.04
C LEU E 187 -10.58 9.26 0.14
N LYS E 188 -11.04 9.01 -1.08
CA LYS E 188 -11.10 10.02 -2.11
C LYS E 188 -12.42 10.76 -1.88
N VAL E 189 -12.33 12.04 -1.59
CA VAL E 189 -13.50 12.85 -1.30
C VAL E 189 -13.59 14.03 -2.27
N SER E 190 -14.49 14.99 -2.04
CA SER E 190 -14.62 16.13 -2.96
C SER E 190 -14.85 17.42 -2.15
N GLN E 191 -13.85 17.99 -1.46
CA GLN E 191 -14.11 19.24 -0.73
C GLN E 191 -13.93 20.37 -1.75
N ALA E 192 -14.71 21.44 -1.54
CA ALA E 192 -14.89 22.59 -2.46
C ALA E 192 -15.64 21.98 -3.66
N GLY E 193 -14.90 21.27 -4.51
CA GLY E 193 -15.46 20.55 -5.62
C GLY E 193 -14.33 19.69 -6.16
N LYS E 194 -13.32 19.29 -5.36
CA LYS E 194 -12.19 18.55 -5.92
C LYS E 194 -11.63 17.28 -5.27
N THR E 195 -11.03 16.47 -6.14
CA THR E 195 -10.33 15.22 -5.81
C THR E 195 -9.20 15.45 -4.78
N LEU E 196 -9.55 15.18 -3.53
CA LEU E 196 -8.61 15.24 -2.42
C LEU E 196 -8.56 13.87 -1.76
N CYS E 197 -7.45 13.52 -1.12
CA CYS E 197 -7.35 12.23 -0.48
C CYS E 197 -7.16 12.39 1.02
N LEU E 198 -8.09 11.83 1.80
CA LEU E 198 -7.99 11.83 3.25
C LEU E 198 -7.08 10.69 3.66
N SER E 199 -6.21 10.90 4.63
CA SER E 199 -5.45 9.81 5.19
C SER E 199 -6.49 9.07 6.02
N GLY E 200 -6.51 7.74 5.97
CA GLY E 200 -7.48 6.98 6.73
C GLY E 200 -7.09 6.77 8.18
N PHE E 201 -6.26 7.58 8.82
CA PHE E 201 -5.95 7.41 10.21
C PHE E 201 -6.18 8.77 10.80
N MET E 202 -6.93 8.93 11.86
CA MET E 202 -7.04 10.23 12.46
C MET E 202 -6.58 10.00 13.90
N GLY E 203 -5.96 10.96 14.58
CA GLY E 203 -5.53 10.75 15.95
C GLY E 203 -6.51 11.37 16.93
N MET E 204 -6.93 10.68 17.98
CA MET E 204 -7.84 11.23 18.99
C MET E 204 -7.64 10.36 20.21
N ASP E 205 -7.40 10.98 21.36
CA ASP E 205 -7.11 10.19 22.55
C ASP E 205 -8.43 9.92 23.22
N ILE E 206 -8.66 8.71 23.69
CA ILE E 206 -9.89 8.47 24.45
C ILE E 206 -9.38 8.52 25.88
N PRO E 207 -9.91 9.31 26.80
CA PRO E 207 -9.49 9.29 28.20
C PRO E 207 -9.66 7.89 28.80
N PRO E 208 -8.78 7.35 29.67
CA PRO E 208 -9.18 6.40 30.71
C PRO E 208 -10.40 6.97 31.45
N PRO E 209 -11.42 6.21 31.88
CA PRO E 209 -11.42 4.77 32.03
C PRO E 209 -11.29 3.88 30.81
N SER E 210 -12.12 4.12 29.82
CA SER E 210 -12.16 3.26 28.65
C SER E 210 -10.93 3.42 27.78
N GLY E 211 -10.41 4.64 27.66
CA GLY E 211 -9.25 4.86 26.82
C GLY E 211 -7.98 4.40 27.50
N PRO E 212 -6.78 4.60 26.97
CA PRO E 212 -6.53 5.02 25.61
C PRO E 212 -6.78 3.82 24.70
N LEU E 213 -7.41 4.00 23.52
CA LEU E 213 -7.83 2.90 22.68
C LEU E 213 -7.65 3.17 21.21
N TRP E 214 -7.18 2.18 20.45
CA TRP E 214 -7.23 2.25 19.00
C TRP E 214 -8.66 1.88 18.64
N ILE E 215 -9.17 2.41 17.55
CA ILE E 215 -10.53 2.15 17.13
C ILE E 215 -10.36 1.63 15.71
N LEU E 216 -10.69 0.36 15.46
CA LEU E 216 -10.58 -0.21 14.12
C LEU E 216 -11.95 0.04 13.55
N GLY E 217 -12.13 1.07 12.74
CA GLY E 217 -13.43 1.43 12.23
C GLY E 217 -13.63 0.93 10.83
N ASP E 218 -14.60 1.44 10.11
CA ASP E 218 -14.93 0.95 8.77
C ASP E 218 -13.77 0.76 7.83
N VAL E 219 -12.69 1.55 7.86
CA VAL E 219 -11.54 1.40 6.98
C VAL E 219 -11.00 -0.03 7.10
N PHE E 220 -10.89 -0.53 8.32
CA PHE E 220 -10.40 -1.87 8.55
C PHE E 220 -11.48 -2.84 8.10
N ILE E 221 -12.70 -2.68 8.61
CA ILE E 221 -13.75 -3.62 8.32
C ILE E 221 -14.02 -3.70 6.83
N GLY E 222 -13.74 -2.65 6.08
CA GLY E 222 -13.92 -2.58 4.64
C GLY E 222 -13.03 -3.58 3.91
N ARG E 223 -11.91 -4.01 4.52
CA ARG E 223 -11.02 -4.99 3.92
C ARG E 223 -11.18 -6.35 4.57
N TYR E 224 -11.53 -6.40 5.86
CA TYR E 224 -11.67 -7.66 6.56
C TYR E 224 -13.07 -7.84 7.17
N TYR E 225 -13.86 -8.71 6.53
CA TYR E 225 -15.21 -9.11 6.95
C TYR E 225 -15.20 -9.41 8.44
N THR E 226 -16.09 -8.79 9.22
CA THR E 226 -16.13 -8.95 10.66
C THR E 226 -17.43 -9.62 11.16
N VAL E 227 -17.25 -10.59 12.06
CA VAL E 227 -18.34 -11.35 12.67
C VAL E 227 -18.29 -11.01 14.15
N PHE E 228 -19.42 -10.73 14.74
CA PHE E 228 -19.47 -10.41 16.15
C PHE E 228 -20.25 -11.57 16.74
N ASP E 229 -19.62 -12.36 17.58
CA ASP E 229 -20.25 -13.54 18.07
C ASP E 229 -20.62 -13.34 19.51
N ARG E 230 -21.86 -12.97 19.81
CA ARG E 230 -22.29 -12.77 21.18
C ARG E 230 -22.28 -14.10 21.90
N ASP E 231 -22.52 -15.21 21.21
CA ASP E 231 -22.46 -16.50 21.89
C ASP E 231 -21.10 -16.87 22.45
N ASN E 232 -20.02 -16.47 21.80
CA ASN E 232 -18.71 -16.87 22.33
C ASN E 232 -17.86 -15.71 22.79
N ASN E 233 -18.37 -14.51 22.55
CA ASN E 233 -17.76 -13.25 22.92
C ASN E 233 -16.37 -13.23 22.33
N ARG E 234 -16.41 -13.29 21.00
CA ARG E 234 -15.22 -13.25 20.18
C ARG E 234 -15.59 -12.52 18.89
N VAL E 235 -14.62 -11.83 18.28
CA VAL E 235 -14.79 -11.12 17.03
C VAL E 235 -14.15 -11.99 15.95
N GLY E 236 -14.62 -12.03 14.71
CA GLY E 236 -14.00 -12.92 13.73
C GLY E 236 -13.68 -12.13 12.48
N PHE E 237 -12.48 -12.24 11.91
CA PHE E 237 -12.10 -11.50 10.71
C PHE E 237 -11.77 -12.40 9.51
N ALA E 238 -12.03 -11.99 8.29
CA ALA E 238 -11.58 -12.71 7.12
C ALA E 238 -11.40 -11.69 6.05
N GLU E 239 -10.58 -11.92 5.06
CA GLU E 239 -10.43 -10.94 4.03
C GLU E 239 -11.78 -10.92 3.36
N ALA E 240 -12.25 -9.73 3.00
CA ALA E 240 -13.51 -9.63 2.31
C ALA E 240 -13.31 -10.11 0.88
N ALA E 241 -14.44 -10.19 0.22
CA ALA E 241 -14.54 -10.56 -1.19
C ALA E 241 -14.96 -9.28 -1.91
N VAL F 2 -16.84 10.77 11.70
CA VAL F 2 -17.98 10.23 12.43
C VAL F 2 -17.38 9.13 13.29
N VAL F 3 -17.39 9.28 14.62
CA VAL F 3 -16.94 8.24 15.53
C VAL F 3 -18.07 8.21 16.54
N ALA F 5 -19.90 5.73 21.27
CA ALA F 5 -20.43 6.35 22.47
C ALA F 5 -19.24 6.47 23.38
#